data_5QSQ
#
_entry.id   5QSQ
#
_cell.length_a   155.168
_cell.length_b   167.216
_cell.length_c   47.617
_cell.angle_alpha   90.000
_cell.angle_beta   90.000
_cell.angle_gamma   90.000
#
_symmetry.space_group_name_H-M   'P 21 21 2'
#
loop_
_entity.id
_entity.type
_entity.pdbx_description
1 polymer 'Cohesin subunit SA-1'
2 non-polymer ~{N}-(cyclobutylmethyl)-1,5-dimethyl-pyrazole-4-carboxamide
3 water water
#
_entity_poly.entity_id   1
_entity_poly.type   'polypeptide(L)'
_entity_poly.pdbx_seq_one_letter_code
;SMSPNGNLIRMLVLFFLESELHEHAAYLVDSLWESSQELLKDWECMTELLLEEPVQGEEAMSDRQESALIELMVCTIRQA
AEAHPPVGRGTGKRVLTAKERKTQIDDRNKLTEHFIITLPMLLSKYSADAEKVANLLQIPQYFDLEIYSTGRMEKHLDAL
LKQIKFVVEKHVESDVLEACSKTYSILCSEEYTIQNRVDIARSQLIDEFVDRFNHSVEDLLQEGEEADDDDIYNVLSTLK
RLTSFHNAHDLTKWDLFGNCYRLLKTGIEHGAMPEQIVVQALQCSHYSILWQLVKITDGSPSKEDLLVLRKTVKSFLAVC
QQCLSNVNTPVKEQAFMLLCDLLMIFSHQLMTGGREGLQPLVFNPDTGLQSELLSFVMDHVFIDQDEENQSMEGDEEDEA
NKIEALHKRRNLLAAFSKLIIYDIVDMHAAADIFKHYMKYYNDYGDIIKETLSKTRQID
;
_entity_poly.pdbx_strand_id   A,B
#
# COMPACT_ATOMS: atom_id res chain seq x y z
N MET A 2 35.66 -27.91 16.64
CA MET A 2 35.95 -26.56 16.02
C MET A 2 36.66 -26.73 14.66
N SER A 3 37.94 -27.15 14.69
CA SER A 3 38.67 -27.84 13.59
C SER A 3 38.44 -29.36 13.67
N PRO A 4 38.26 -30.00 14.87
CA PRO A 4 37.70 -31.35 14.93
C PRO A 4 36.42 -31.55 14.09
N ASN A 5 35.34 -30.85 14.46
CA ASN A 5 34.06 -30.81 13.71
C ASN A 5 34.36 -30.47 12.24
N GLY A 6 35.38 -29.68 11.95
CA GLY A 6 35.82 -29.41 10.57
C GLY A 6 36.19 -30.68 9.81
N ASN A 7 37.03 -31.52 10.38
CA ASN A 7 37.43 -32.82 9.78
C ASN A 7 36.17 -33.64 9.54
N LEU A 8 35.31 -33.80 10.57
CA LEU A 8 34.12 -34.67 10.50
C LEU A 8 33.21 -34.22 9.36
N ILE A 9 32.97 -32.93 9.23
CA ILE A 9 32.17 -32.36 8.12
C ILE A 9 32.87 -32.62 6.77
N ARG A 10 34.17 -32.31 6.65
CA ARG A 10 34.95 -32.51 5.39
C ARG A 10 34.87 -33.98 4.96
N MET A 11 34.82 -34.91 5.91
CA MET A 11 34.80 -36.36 5.63
C MET A 11 33.35 -36.75 5.30
N LEU A 12 32.38 -36.24 6.04
CA LEU A 12 30.95 -36.43 5.72
C LEU A 12 30.69 -35.99 4.29
N VAL A 13 31.28 -34.88 3.85
CA VAL A 13 31.14 -34.42 2.44
C VAL A 13 31.82 -35.42 1.51
N LEU A 14 32.91 -36.07 1.95
CA LEU A 14 33.67 -37.04 1.11
C LEU A 14 32.89 -38.35 1.00
N PHE A 15 32.37 -38.87 2.10
CA PHE A 15 31.58 -40.12 2.10
C PHE A 15 30.35 -39.90 1.20
N PHE A 16 29.76 -38.71 1.22
CA PHE A 16 28.54 -38.39 0.44
C PHE A 16 28.86 -38.50 -1.06
N LEU A 17 29.89 -37.79 -1.51
CA LEU A 17 30.25 -37.71 -2.95
C LEU A 17 30.79 -39.06 -3.43
N GLU A 18 31.55 -39.78 -2.61
CA GLU A 18 32.45 -40.88 -3.08
C GLU A 18 31.69 -42.20 -3.12
N SER A 19 30.86 -42.50 -2.11
CA SER A 19 29.93 -43.65 -2.13
C SER A 19 28.64 -43.25 -2.85
N GLU A 20 27.98 -44.21 -3.49
CA GLU A 20 26.61 -44.06 -4.02
C GLU A 20 25.70 -44.83 -3.06
N LEU A 21 25.99 -44.74 -1.75
CA LEU A 21 25.21 -45.36 -0.62
C LEU A 21 24.11 -44.41 -0.14
N HIS A 22 24.21 -43.13 -0.51
CA HIS A 22 23.18 -42.07 -0.33
C HIS A 22 23.16 -41.21 -1.60
N GLU A 23 22.06 -41.26 -2.35
CA GLU A 23 21.87 -40.53 -3.63
C GLU A 23 21.56 -39.07 -3.30
N HIS A 24 20.78 -38.87 -2.22
CA HIS A 24 20.16 -37.59 -1.80
C HIS A 24 20.75 -37.07 -0.48
N ALA A 25 21.42 -35.91 -0.55
CA ALA A 25 21.90 -35.14 0.62
C ALA A 25 20.84 -35.08 1.71
N ALA A 26 19.59 -34.81 1.34
CA ALA A 26 18.45 -34.70 2.27
C ALA A 26 18.33 -35.99 3.08
N TYR A 27 18.46 -37.16 2.43
CA TYR A 27 18.22 -38.49 3.05
C TYR A 27 19.42 -38.86 3.92
N LEU A 28 20.65 -38.54 3.47
CA LEU A 28 21.89 -38.71 4.27
C LEU A 28 21.77 -37.96 5.59
N VAL A 29 21.44 -36.67 5.50
CA VAL A 29 21.27 -35.74 6.65
C VAL A 29 20.19 -36.31 7.57
N ASP A 30 19.05 -36.71 7.00
CA ASP A 30 17.89 -37.21 7.78
C ASP A 30 18.28 -38.47 8.57
N SER A 31 19.02 -39.37 7.93
CA SER A 31 19.38 -40.70 8.50
C SER A 31 20.34 -40.50 9.66
N LEU A 32 21.25 -39.53 9.55
CA LEU A 32 22.26 -39.23 10.60
C LEU A 32 21.66 -38.36 11.71
N TRP A 33 20.44 -37.83 11.53
CA TRP A 33 19.93 -36.69 12.32
C TRP A 33 19.86 -37.03 13.80
N GLU A 34 19.24 -38.17 14.14
CA GLU A 34 19.09 -38.66 15.54
C GLU A 34 20.47 -38.78 16.21
N SER A 35 21.50 -39.22 15.50
CA SER A 35 22.81 -39.62 16.06
C SER A 35 23.82 -38.47 16.01
N SER A 36 23.62 -37.49 15.14
CA SER A 36 24.65 -36.46 14.84
C SER A 36 24.03 -35.06 14.66
N GLN A 37 22.93 -34.78 15.35
CA GLN A 37 22.26 -33.46 15.35
C GLN A 37 23.29 -32.37 15.73
N GLU A 38 24.00 -32.54 16.86
CA GLU A 38 24.99 -31.56 17.38
C GLU A 38 25.94 -31.21 16.25
N LEU A 39 26.56 -32.20 15.59
CA LEU A 39 27.54 -31.97 14.50
C LEU A 39 26.85 -31.30 13.30
N LEU A 40 25.68 -31.81 12.90
CA LEU A 40 24.99 -31.39 11.65
C LEU A 40 24.37 -30.01 11.82
N LYS A 41 24.34 -29.46 13.04
CA LYS A 41 23.91 -28.06 13.26
C LYS A 41 25.08 -27.14 13.60
N ASP A 42 26.34 -27.57 13.46
CA ASP A 42 27.53 -26.69 13.65
C ASP A 42 27.67 -25.83 12.39
N TRP A 43 26.80 -24.84 12.22
CA TRP A 43 26.75 -23.97 11.02
C TRP A 43 27.94 -23.02 11.02
N GLU A 44 28.42 -22.60 12.19
CA GLU A 44 29.64 -21.75 12.32
C GLU A 44 30.79 -22.50 11.64
N CYS A 45 30.92 -23.79 11.91
CA CYS A 45 31.97 -24.66 11.34
C CYS A 45 31.85 -24.69 9.81
N MET A 46 30.65 -25.00 9.32
CA MET A 46 30.38 -25.10 7.86
C MET A 46 30.65 -23.76 7.14
N THR A 47 30.11 -22.63 7.59
CA THR A 47 30.34 -21.34 6.89
C THR A 47 31.83 -20.99 6.92
N GLU A 48 32.51 -21.39 8.00
CA GLU A 48 33.97 -21.19 8.19
C GLU A 48 34.71 -22.02 7.12
N LEU A 49 34.39 -23.32 7.02
CA LEU A 49 34.94 -24.15 5.94
C LEU A 49 34.71 -23.45 4.60
N LEU A 50 33.51 -22.90 4.37
CA LEU A 50 33.11 -22.38 3.03
C LEU A 50 33.76 -21.02 2.76
N LEU A 51 34.04 -20.22 3.79
CA LEU A 51 34.45 -18.82 3.58
C LEU A 51 35.95 -18.62 3.82
N GLU A 52 36.61 -19.44 4.66
CA GLU A 52 38.04 -19.30 4.98
C GLU A 52 38.90 -19.73 3.78
N GLU A 53 40.15 -19.22 3.75
CA GLU A 53 41.23 -19.60 2.83
C GLU A 53 42.14 -20.58 3.55
N PRO A 54 42.65 -21.65 2.90
CA PRO A 54 43.33 -22.74 3.60
C PRO A 54 44.75 -22.39 4.07
N VAL A 55 45.44 -23.38 4.66
CA VAL A 55 46.84 -23.26 5.16
C VAL A 55 47.73 -24.21 4.33
N GLU A 58 47.77 -28.36 5.32
CA GLU A 58 47.37 -27.53 4.16
C GLU A 58 46.04 -28.06 3.59
N GLU A 59 45.79 -27.94 2.27
CA GLU A 59 44.81 -28.72 1.45
C GLU A 59 43.45 -27.99 1.36
N ALA A 60 43.15 -27.41 0.19
CA ALA A 60 41.91 -26.64 -0.11
C ALA A 60 40.78 -27.59 -0.55
N MET A 61 39.52 -27.10 -0.49
CA MET A 61 38.31 -27.83 -0.98
C MET A 61 38.21 -27.65 -2.50
N SER A 62 37.76 -28.68 -3.21
CA SER A 62 37.46 -28.65 -4.66
C SER A 62 36.08 -28.01 -4.90
N ASP A 63 35.84 -27.50 -6.11
CA ASP A 63 34.51 -26.95 -6.50
C ASP A 63 33.42 -27.97 -6.13
N ARG A 64 33.61 -29.24 -6.46
CA ARG A 64 32.58 -30.30 -6.25
C ARG A 64 32.28 -30.47 -4.76
N GLN A 65 33.29 -30.39 -3.88
CA GLN A 65 33.11 -30.61 -2.41
C GLN A 65 32.50 -29.35 -1.79
N GLU A 66 32.96 -28.17 -2.22
CA GLU A 66 32.29 -26.89 -1.86
C GLU A 66 30.80 -27.04 -2.15
N SER A 67 30.41 -27.33 -3.40
CA SER A 67 28.99 -27.54 -3.81
C SER A 67 28.24 -28.50 -2.88
N ALA A 68 28.89 -29.59 -2.44
CA ALA A 68 28.23 -30.69 -1.70
C ALA A 68 28.04 -30.28 -0.24
N LEU A 69 29.03 -29.56 0.29
CA LEU A 69 28.93 -28.94 1.63
C LEU A 69 27.76 -27.95 1.62
N ILE A 70 27.69 -27.04 0.64
CA ILE A 70 26.55 -26.09 0.59
C ILE A 70 25.24 -26.88 0.56
N GLU A 71 25.14 -27.87 -0.33
CA GLU A 71 23.88 -28.65 -0.43
C GLU A 71 23.58 -29.34 0.91
N LEU A 72 24.58 -29.87 1.60
CA LEU A 72 24.35 -30.59 2.89
C LEU A 72 23.92 -29.59 3.98
N MET A 73 24.66 -28.47 4.07
CA MET A 73 24.39 -27.34 4.99
C MET A 73 22.90 -26.95 4.89
N VAL A 74 22.42 -26.67 3.68
CA VAL A 74 21.01 -26.23 3.44
C VAL A 74 20.05 -27.32 3.90
N CYS A 75 20.37 -28.59 3.69
CA CYS A 75 19.54 -29.74 4.19
C CYS A 75 19.48 -29.72 5.72
N THR A 76 20.59 -29.49 6.42
CA THR A 76 20.61 -29.40 7.91
C THR A 76 19.78 -28.20 8.38
N ILE A 77 19.85 -27.07 7.65
CA ILE A 77 19.08 -25.84 7.96
C ILE A 77 17.59 -26.14 7.84
N ARG A 78 17.16 -26.78 6.75
CA ARG A 78 15.75 -27.25 6.64
C ARG A 78 15.43 -28.15 7.84
N GLN A 79 16.16 -29.24 8.03
CA GLN A 79 15.72 -30.27 9.01
C GLN A 79 15.62 -29.61 10.40
N ALA A 80 16.52 -28.70 10.75
CA ALA A 80 16.53 -28.04 12.08
C ALA A 80 15.26 -27.19 12.23
N ALA A 81 14.96 -26.37 11.21
CA ALA A 81 13.84 -25.41 11.21
C ALA A 81 12.50 -26.12 11.21
N GLU A 82 12.30 -27.13 10.34
CA GLU A 82 11.00 -27.86 10.18
C GLU A 82 10.85 -28.90 11.30
N ALA A 83 11.95 -29.42 11.85
CA ALA A 83 11.98 -30.41 12.95
C ALA A 83 11.20 -31.68 12.57
N HIS A 84 11.30 -32.08 11.30
CA HIS A 84 10.67 -33.31 10.76
C HIS A 84 11.54 -33.80 9.61
N PRO A 85 11.52 -35.13 9.33
CA PRO A 85 12.21 -35.67 8.16
C PRO A 85 11.75 -35.05 6.84
N PRO A 86 12.58 -35.15 5.78
CA PRO A 86 12.29 -34.48 4.51
C PRO A 86 11.18 -35.20 3.74
N VAL A 87 10.68 -34.55 2.68
CA VAL A 87 9.52 -35.05 1.88
C VAL A 87 9.88 -36.46 1.42
N GLY A 88 9.02 -37.43 1.73
CA GLY A 88 9.20 -38.85 1.36
C GLY A 88 10.10 -39.61 2.31
N ARG A 89 10.33 -39.10 3.53
CA ARG A 89 10.76 -39.90 4.71
C ARG A 89 9.83 -39.58 5.90
N GLY A 90 8.73 -38.84 5.64
CA GLY A 90 7.73 -38.47 6.67
C GLY A 90 6.99 -39.68 7.22
N THR A 91 6.05 -39.47 8.15
CA THR A 91 5.11 -40.49 8.67
C THR A 91 3.80 -39.79 9.09
N ARG A 94 3.56 -36.75 13.83
CA ARG A 94 4.51 -35.61 13.65
C ARG A 94 4.39 -34.63 14.84
N VAL A 95 4.21 -35.15 16.08
CA VAL A 95 3.87 -34.40 17.33
C VAL A 95 5.13 -34.27 18.23
N LEU A 96 5.66 -33.05 18.38
CA LEU A 96 6.93 -32.75 19.10
C LEU A 96 6.72 -32.77 20.62
N THR A 97 7.73 -33.23 21.36
CA THR A 97 7.84 -33.11 22.84
C THR A 97 8.18 -31.66 23.18
N ALA A 98 8.05 -31.28 24.46
CA ALA A 98 8.43 -29.94 24.99
C ALA A 98 9.87 -29.61 24.60
N LYS A 99 10.78 -30.59 24.70
CA LYS A 99 12.24 -30.40 24.47
C LYS A 99 12.55 -30.29 22.98
N GLU A 100 11.88 -31.08 22.13
CA GLU A 100 11.95 -30.95 20.64
C GLU A 100 11.45 -29.55 20.23
N ARG A 101 10.33 -29.10 20.79
CA ARG A 101 9.75 -27.76 20.47
C ARG A 101 10.74 -26.67 20.91
N LYS A 102 11.30 -26.80 22.12
CA LYS A 102 12.31 -25.84 22.68
C LYS A 102 13.55 -25.85 21.77
N THR A 103 14.04 -27.03 21.36
CA THR A 103 15.24 -27.19 20.52
C THR A 103 14.99 -26.54 19.16
N GLN A 104 13.81 -26.75 18.57
CA GLN A 104 13.40 -26.15 17.27
C GLN A 104 13.50 -24.62 17.33
N ILE A 105 12.90 -24.00 18.34
CA ILE A 105 12.87 -22.52 18.51
C ILE A 105 14.31 -22.00 18.63
N ASP A 106 15.13 -22.69 19.44
CA ASP A 106 16.53 -22.27 19.73
C ASP A 106 17.36 -22.39 18.45
N ASP A 107 17.19 -23.51 17.73
CA ASP A 107 17.85 -23.81 16.43
C ASP A 107 17.46 -22.72 15.42
N ARG A 108 16.18 -22.39 15.29
CA ARG A 108 15.71 -21.35 14.35
C ARG A 108 16.36 -20.02 14.69
N ASN A 109 16.55 -19.75 15.98
CA ASN A 109 17.19 -18.50 16.45
C ASN A 109 18.67 -18.51 16.05
N LYS A 110 19.37 -19.60 16.31
CA LYS A 110 20.81 -19.75 15.96
C LYS A 110 21.00 -19.59 14.46
N LEU A 111 20.27 -20.35 13.64
CA LEU A 111 20.52 -20.36 12.17
C LEU A 111 20.11 -19.02 11.58
N THR A 112 19.09 -18.36 12.11
CA THR A 112 18.67 -17.03 11.60
C THR A 112 19.78 -16.01 11.88
N GLU A 113 20.19 -15.88 13.15
CA GLU A 113 21.26 -14.91 13.50
C GLU A 113 22.49 -15.23 12.67
N HIS A 114 22.83 -16.52 12.53
CA HIS A 114 24.13 -16.91 11.93
C HIS A 114 24.10 -16.56 10.44
N PHE A 115 22.99 -16.83 9.77
CA PHE A 115 22.94 -16.79 8.29
C PHE A 115 22.54 -15.39 7.85
N ILE A 116 21.85 -14.61 8.68
CA ILE A 116 21.59 -13.17 8.33
C ILE A 116 22.96 -12.51 8.12
N ILE A 117 23.89 -12.77 9.05
CA ILE A 117 25.31 -12.30 9.00
C ILE A 117 26.04 -12.97 7.83
N THR A 118 26.04 -14.30 7.71
CA THR A 118 26.97 -15.04 6.79
C THR A 118 26.42 -15.25 5.37
N LEU A 119 25.12 -15.31 5.14
CA LEU A 119 24.58 -15.58 3.78
C LEU A 119 25.04 -14.53 2.78
N PRO A 120 25.06 -13.22 3.13
CA PRO A 120 25.61 -12.21 2.22
C PRO A 120 27.07 -12.48 1.82
N MET A 121 27.86 -13.03 2.75
CA MET A 121 29.31 -13.32 2.57
C MET A 121 29.44 -14.54 1.65
N LEU A 122 28.65 -15.57 1.92
CA LEU A 122 28.51 -16.77 1.05
C LEU A 122 28.13 -16.36 -0.39
N LEU A 123 27.14 -15.49 -0.58
CA LEU A 123 26.71 -15.09 -1.94
C LEU A 123 27.82 -14.30 -2.64
N SER A 124 28.48 -13.38 -1.94
CA SER A 124 29.60 -12.57 -2.49
C SER A 124 30.64 -13.52 -3.11
N LYS A 125 31.11 -14.50 -2.35
CA LYS A 125 32.28 -15.35 -2.69
C LYS A 125 31.92 -16.27 -3.85
N TYR A 126 30.71 -16.82 -3.85
CA TYR A 126 30.24 -17.85 -4.81
C TYR A 126 29.29 -17.25 -5.86
N SER A 127 29.38 -15.93 -6.10
CA SER A 127 28.38 -15.13 -6.84
C SER A 127 28.18 -15.63 -8.27
N ALA A 128 29.22 -16.17 -8.90
CA ALA A 128 29.24 -16.52 -10.34
C ALA A 128 28.79 -17.98 -10.56
N ASP A 129 28.87 -18.82 -9.53
CA ASP A 129 28.46 -20.24 -9.60
C ASP A 129 26.93 -20.31 -9.47
N ALA A 130 26.24 -20.54 -10.59
CA ALA A 130 24.76 -20.62 -10.67
C ALA A 130 24.17 -21.66 -9.71
N GLU A 131 24.74 -22.87 -9.59
CA GLU A 131 24.13 -23.97 -8.79
C GLU A 131 24.22 -23.58 -7.33
N LYS A 132 25.42 -23.17 -6.89
CA LYS A 132 25.71 -22.77 -5.49
C LYS A 132 24.76 -21.64 -5.06
N VAL A 133 24.66 -20.58 -5.86
CA VAL A 133 23.86 -19.39 -5.51
C VAL A 133 22.39 -19.83 -5.32
N ALA A 134 21.89 -20.65 -6.24
CA ALA A 134 20.50 -21.12 -6.18
C ALA A 134 20.29 -21.90 -4.87
N ASN A 135 21.31 -22.62 -4.40
CA ASN A 135 21.22 -23.44 -3.18
C ASN A 135 21.21 -22.49 -1.98
N LEU A 136 22.17 -21.56 -1.96
CA LEU A 136 22.32 -20.59 -0.86
C LEU A 136 20.99 -19.84 -0.68
N LEU A 137 20.34 -19.45 -1.80
CA LEU A 137 19.07 -18.66 -1.77
C LEU A 137 17.87 -19.52 -1.34
N GLN A 138 18.08 -20.79 -0.95
CA GLN A 138 17.03 -21.62 -0.31
C GLN A 138 17.02 -21.33 1.20
N ILE A 139 17.99 -20.54 1.71
CA ILE A 139 18.18 -20.40 3.18
C ILE A 139 17.18 -19.40 3.78
N PRO A 140 16.90 -18.22 3.21
CA PRO A 140 16.06 -17.22 3.88
C PRO A 140 14.65 -17.70 4.24
N GLN A 141 14.09 -18.63 3.47
CA GLN A 141 12.74 -19.19 3.74
C GLN A 141 12.68 -19.73 5.17
N TYR A 142 13.83 -20.10 5.77
CA TYR A 142 13.90 -20.75 7.11
C TYR A 142 14.16 -19.69 8.19
N PHE A 143 14.50 -18.46 7.81
CA PHE A 143 14.71 -17.31 8.73
C PHE A 143 13.44 -16.97 9.50
N ASP A 144 13.62 -16.78 10.81
CA ASP A 144 12.74 -16.02 11.74
C ASP A 144 12.97 -14.53 11.44
N LEU A 145 12.39 -14.02 10.34
CA LEU A 145 12.61 -12.67 9.75
C LEU A 145 12.38 -11.53 10.74
N GLU A 146 11.67 -11.73 11.85
CA GLU A 146 11.47 -10.64 12.85
C GLU A 146 12.86 -10.22 13.38
N ILE A 147 13.82 -11.13 13.32
CA ILE A 147 15.18 -10.90 13.88
C ILE A 147 15.89 -9.79 13.09
N TYR A 148 15.50 -9.51 11.84
CA TYR A 148 16.13 -8.41 11.05
C TYR A 148 15.96 -7.06 11.79
N SER A 149 14.80 -6.82 12.41
CA SER A 149 14.50 -5.65 13.28
C SER A 149 15.19 -5.82 14.64
N THR A 150 14.74 -6.79 15.42
CA THR A 150 15.18 -7.17 16.80
C THR A 150 16.69 -6.94 16.99
N GLY A 151 17.54 -7.41 16.07
CA GLY A 151 19.00 -7.46 16.27
C GLY A 151 19.73 -6.20 15.80
N ARG A 152 18.98 -5.14 15.45
CA ARG A 152 19.49 -3.89 14.83
C ARG A 152 20.33 -4.30 13.62
N MET A 153 19.80 -5.27 12.86
CA MET A 153 20.51 -6.08 11.84
C MET A 153 20.21 -5.56 10.43
N GLU A 154 19.55 -4.40 10.34
CA GLU A 154 19.36 -3.64 9.09
C GLU A 154 20.62 -3.73 8.23
N LYS A 155 21.83 -3.63 8.78
CA LYS A 155 23.06 -3.55 7.94
C LYS A 155 23.14 -4.80 7.07
N HIS A 156 22.75 -5.96 7.62
CA HIS A 156 22.85 -7.29 6.96
C HIS A 156 21.70 -7.51 5.96
N LEU A 157 20.51 -7.00 6.22
CA LEU A 157 19.42 -7.00 5.22
C LEU A 157 19.89 -6.22 3.98
N ASP A 158 20.41 -5.02 4.16
CA ASP A 158 21.00 -4.22 3.07
C ASP A 158 21.99 -5.12 2.31
N ALA A 159 22.81 -5.90 3.03
CA ALA A 159 23.89 -6.70 2.43
C ALA A 159 23.30 -7.82 1.57
N LEU A 160 22.30 -8.52 2.07
CA LEU A 160 21.67 -9.59 1.27
C LEU A 160 21.10 -8.95 -0.02
N LEU A 161 20.36 -7.83 0.10
CA LEU A 161 19.70 -7.15 -1.05
C LEU A 161 20.75 -6.74 -2.08
N LYS A 162 21.88 -6.21 -1.61
CA LYS A 162 23.04 -5.87 -2.47
C LYS A 162 23.38 -7.15 -3.25
N GLN A 163 23.52 -8.27 -2.55
CA GLN A 163 24.12 -9.51 -3.11
C GLN A 163 23.11 -10.16 -4.07
N ILE A 164 21.82 -10.08 -3.76
CA ILE A 164 20.75 -10.58 -4.68
C ILE A 164 20.77 -9.74 -5.96
N LYS A 165 20.87 -8.42 -5.85
CA LYS A 165 21.01 -7.51 -7.01
C LYS A 165 22.19 -7.98 -7.87
N PHE A 166 23.36 -8.23 -7.29
CA PHE A 166 24.59 -8.63 -8.06
C PHE A 166 24.31 -9.95 -8.76
N VAL A 167 23.69 -10.88 -8.05
CA VAL A 167 23.37 -12.23 -8.58
C VAL A 167 22.44 -12.09 -9.78
N VAL A 168 21.34 -11.35 -9.62
CA VAL A 168 20.29 -11.19 -10.67
C VAL A 168 20.94 -10.53 -11.88
N GLU A 169 21.84 -9.58 -11.63
CA GLU A 169 22.55 -8.78 -12.67
C GLU A 169 23.51 -9.67 -13.45
N LYS A 170 24.07 -10.72 -12.84
CA LYS A 170 25.19 -11.52 -13.43
C LYS A 170 24.66 -12.75 -14.18
N HIS A 171 23.45 -13.24 -13.84
CA HIS A 171 22.93 -14.57 -14.25
C HIS A 171 21.64 -14.51 -15.08
N VAL A 172 21.44 -15.53 -15.92
CA VAL A 172 20.21 -15.72 -16.76
C VAL A 172 19.62 -17.13 -16.56
N GLU A 173 20.26 -18.02 -15.80
CA GLU A 173 19.75 -19.41 -15.59
C GLU A 173 18.44 -19.30 -14.82
N SER A 174 17.44 -20.11 -15.17
CA SER A 174 16.07 -19.95 -14.63
C SER A 174 16.05 -20.26 -13.14
N ASP A 175 16.84 -21.22 -12.67
CA ASP A 175 16.90 -21.63 -11.24
C ASP A 175 17.39 -20.48 -10.35
N VAL A 176 18.47 -19.80 -10.77
CA VAL A 176 19.06 -18.62 -10.08
C VAL A 176 17.99 -17.53 -9.96
N LEU A 177 17.45 -17.11 -11.12
CA LEU A 177 16.44 -16.02 -11.22
C LEU A 177 15.23 -16.34 -10.34
N GLU A 178 14.72 -17.56 -10.43
CA GLU A 178 13.56 -18.04 -9.65
C GLU A 178 13.92 -17.98 -8.15
N ALA A 179 15.13 -18.40 -7.77
CA ALA A 179 15.61 -18.36 -6.38
C ALA A 179 15.59 -16.92 -5.88
N CYS A 180 16.06 -15.98 -6.72
CA CYS A 180 16.05 -14.52 -6.42
C CYS A 180 14.60 -14.03 -6.26
N SER A 181 13.71 -14.42 -7.16
CA SER A 181 12.30 -13.98 -7.16
C SER A 181 11.66 -14.36 -5.83
N LYS A 182 11.76 -15.64 -5.49
CA LYS A 182 11.23 -16.21 -4.23
C LYS A 182 11.87 -15.55 -3.00
N THR A 183 13.16 -15.24 -3.03
CA THR A 183 13.82 -14.65 -1.83
C THR A 183 13.25 -13.24 -1.59
N TYR A 184 13.01 -12.42 -2.63
CA TYR A 184 12.38 -11.09 -2.46
C TYR A 184 10.97 -11.24 -1.90
N SER A 185 10.18 -12.14 -2.51
CA SER A 185 8.81 -12.52 -2.09
C SER A 185 8.77 -12.73 -0.57
N ILE A 186 9.68 -13.55 -0.05
CA ILE A 186 9.74 -13.95 1.39
C ILE A 186 10.11 -12.73 2.23
N LEU A 187 11.11 -11.95 1.82
CA LEU A 187 11.60 -10.78 2.58
C LEU A 187 10.48 -9.74 2.71
N CYS A 188 9.78 -9.41 1.62
CA CYS A 188 8.67 -8.42 1.61
C CYS A 188 7.58 -8.78 2.62
N SER A 189 6.70 -9.69 2.21
CA SER A 189 5.31 -9.78 2.69
C SER A 189 5.24 -10.58 4.00
N GLU A 190 6.36 -10.75 4.71
CA GLU A 190 6.40 -11.64 5.90
C GLU A 190 7.09 -10.95 7.09
N GLU A 191 7.06 -9.61 7.14
CA GLU A 191 7.29 -8.78 8.37
C GLU A 191 7.16 -7.31 7.96
N TYR A 192 6.33 -6.50 8.63
CA TYR A 192 6.04 -5.12 8.13
C TYR A 192 7.29 -4.25 8.28
N THR A 193 8.01 -4.46 9.39
CA THR A 193 9.20 -3.67 9.78
C THR A 193 10.08 -3.52 8.52
N ILE A 194 10.39 -4.66 7.87
CA ILE A 194 11.38 -4.73 6.75
C ILE A 194 10.68 -4.60 5.39
N GLN A 195 9.35 -4.73 5.34
CA GLN A 195 8.58 -4.69 4.07
C GLN A 195 9.04 -3.49 3.22
N ASN A 196 8.94 -2.27 3.76
CA ASN A 196 9.17 -1.00 3.03
C ASN A 196 10.59 -0.98 2.44
N ARG A 197 11.58 -1.46 3.19
CA ARG A 197 13.00 -1.42 2.76
C ARG A 197 13.20 -2.38 1.58
N VAL A 198 12.67 -3.58 1.69
CA VAL A 198 12.75 -4.60 0.60
C VAL A 198 11.97 -4.11 -0.64
N ASP A 199 10.77 -3.56 -0.47
CA ASP A 199 9.95 -3.06 -1.61
C ASP A 199 10.78 -2.05 -2.40
N ILE A 200 11.46 -1.13 -1.72
CA ILE A 200 12.29 -0.07 -2.37
C ILE A 200 13.36 -0.76 -3.24
N ALA A 201 14.11 -1.73 -2.70
CA ALA A 201 15.23 -2.39 -3.42
C ALA A 201 14.68 -3.17 -4.63
N ARG A 202 13.55 -3.86 -4.42
CA ARG A 202 12.89 -4.67 -5.47
C ARG A 202 12.51 -3.76 -6.63
N SER A 203 11.59 -2.82 -6.41
CA SER A 203 11.08 -1.93 -7.48
C SER A 203 12.24 -1.18 -8.14
N GLN A 204 13.32 -0.85 -7.42
CA GLN A 204 14.50 -0.22 -8.09
C GLN A 204 15.11 -1.25 -9.04
N LEU A 205 15.30 -2.49 -8.59
CA LEU A 205 15.84 -3.58 -9.44
C LEU A 205 14.97 -3.75 -10.70
N ILE A 206 13.65 -3.87 -10.51
CA ILE A 206 12.69 -4.03 -11.63
C ILE A 206 12.82 -2.84 -12.58
N ASP A 207 12.75 -1.61 -12.05
CA ASP A 207 12.92 -0.34 -12.80
C ASP A 207 14.13 -0.46 -13.72
N GLU A 208 15.29 -0.81 -13.20
CA GLU A 208 16.53 -0.84 -14.05
C GLU A 208 16.34 -1.88 -15.16
N PHE A 209 15.61 -2.97 -14.89
CA PHE A 209 15.49 -4.10 -15.85
C PHE A 209 14.45 -3.80 -16.93
N VAL A 210 13.32 -3.20 -16.55
CA VAL A 210 12.32 -2.66 -17.52
C VAL A 210 12.93 -1.62 -18.47
N ASP A 211 13.77 -0.69 -17.98
CA ASP A 211 14.44 0.31 -18.83
C ASP A 211 15.31 -0.42 -19.85
N ARG A 212 16.22 -1.27 -19.39
CA ARG A 212 17.16 -2.00 -20.30
C ARG A 212 16.37 -2.87 -21.27
N PHE A 213 15.26 -3.47 -20.82
CA PHE A 213 14.38 -4.32 -21.68
C PHE A 213 13.80 -3.48 -22.83
N ASN A 214 13.19 -2.36 -22.46
CA ASN A 214 12.49 -1.40 -23.36
C ASN A 214 13.48 -0.89 -24.41
N HIS A 215 14.68 -0.50 -23.99
CA HIS A 215 15.72 0.05 -24.90
C HIS A 215 16.15 -1.05 -25.86
N SER A 216 16.20 -2.29 -25.39
CA SER A 216 16.65 -3.45 -26.21
C SER A 216 15.55 -3.87 -27.16
N VAL A 217 14.31 -3.88 -26.69
CA VAL A 217 13.14 -4.14 -27.60
C VAL A 217 13.23 -3.13 -28.75
N GLU A 218 13.39 -1.85 -28.40
CA GLU A 218 13.41 -0.75 -29.39
C GLU A 218 14.58 -0.98 -30.35
N ASP A 219 15.75 -1.32 -29.83
CA ASP A 219 16.94 -1.62 -30.68
C ASP A 219 16.59 -2.76 -31.65
N LEU A 220 16.21 -3.91 -31.14
CA LEU A 220 15.94 -5.12 -31.95
C LEU A 220 14.92 -4.82 -33.07
N LEU A 221 13.81 -4.14 -32.79
CA LEU A 221 12.67 -3.98 -33.75
C LEU A 221 12.95 -2.89 -34.79
N GLN A 222 13.68 -1.83 -34.43
CA GLN A 222 14.10 -0.77 -35.39
C GLN A 222 15.08 -1.42 -36.38
N GLU A 223 15.93 -2.32 -35.89
CA GLU A 223 16.78 -3.26 -36.71
C GLU A 223 15.98 -4.56 -36.90
N GLU A 226 18.43 -6.70 -41.05
CA GLU A 226 19.66 -6.61 -40.23
C GLU A 226 19.28 -6.50 -38.76
N ALA A 227 19.77 -7.43 -37.92
CA ALA A 227 19.56 -7.45 -36.45
C ALA A 227 20.69 -8.24 -35.78
N ASP A 228 21.36 -7.62 -34.81
CA ASP A 228 22.68 -8.01 -34.24
C ASP A 228 22.49 -9.17 -33.24
N ASP A 229 23.54 -9.95 -32.97
CA ASP A 229 23.57 -10.95 -31.85
C ASP A 229 23.59 -10.23 -30.49
N ASP A 230 24.06 -8.99 -30.44
CA ASP A 230 23.98 -8.13 -29.23
C ASP A 230 22.52 -7.78 -28.95
N ASP A 231 21.77 -7.42 -30.00
CA ASP A 231 20.36 -6.99 -29.92
C ASP A 231 19.57 -8.16 -29.31
N ILE A 232 19.72 -9.35 -29.91
CA ILE A 232 19.12 -10.61 -29.42
C ILE A 232 19.49 -10.84 -27.95
N TYR A 233 20.77 -10.87 -27.58
CA TYR A 233 21.22 -11.11 -26.18
C TYR A 233 20.54 -10.10 -25.22
N ASN A 234 20.49 -8.82 -25.59
CA ASN A 234 19.98 -7.74 -24.71
C ASN A 234 18.49 -7.96 -24.41
N VAL A 235 17.68 -8.26 -25.45
CA VAL A 235 16.23 -8.54 -25.31
C VAL A 235 16.06 -9.79 -24.44
N LEU A 236 16.61 -10.91 -24.89
CA LEU A 236 16.46 -12.21 -24.20
C LEU A 236 16.85 -12.09 -22.73
N SER A 237 18.05 -11.60 -22.46
CA SER A 237 18.66 -11.60 -21.10
C SER A 237 17.77 -10.81 -20.15
N THR A 238 17.28 -9.63 -20.55
CA THR A 238 16.46 -8.75 -19.67
C THR A 238 15.07 -9.33 -19.54
N LEU A 239 14.49 -9.79 -20.65
CA LEU A 239 13.14 -10.44 -20.63
C LEU A 239 13.21 -11.67 -19.70
N LYS A 240 14.29 -12.45 -19.71
CA LYS A 240 14.42 -13.64 -18.81
C LYS A 240 14.22 -13.18 -17.36
N ARG A 241 14.91 -12.13 -16.92
CA ARG A 241 14.87 -11.68 -15.50
C ARG A 241 13.43 -11.29 -15.14
N LEU A 242 12.81 -10.52 -16.02
CA LEU A 242 11.45 -9.97 -15.78
C LEU A 242 10.41 -11.10 -15.78
N THR A 243 10.54 -12.07 -16.68
CA THR A 243 9.64 -13.27 -16.74
C THR A 243 9.70 -14.02 -15.40
N SER A 244 10.90 -14.33 -14.91
CA SER A 244 11.09 -15.03 -13.60
C SER A 244 10.31 -14.28 -12.51
N PHE A 245 10.58 -12.99 -12.35
CA PHE A 245 9.97 -12.18 -11.27
C PHE A 245 8.47 -12.07 -11.48
N HIS A 246 7.96 -12.10 -12.73
CA HIS A 246 6.55 -11.75 -13.03
C HIS A 246 5.59 -12.81 -12.49
N ASN A 247 6.09 -14.01 -12.18
CA ASN A 247 5.24 -15.09 -11.59
C ASN A 247 4.82 -14.69 -10.15
N ALA A 248 5.75 -14.42 -9.24
CA ALA A 248 5.43 -14.13 -7.82
C ALA A 248 5.26 -12.63 -7.57
N HIS A 249 5.76 -11.75 -8.45
CA HIS A 249 5.64 -10.28 -8.28
C HIS A 249 4.68 -9.71 -9.33
N ASP A 250 3.74 -8.86 -8.90
CA ASP A 250 2.74 -8.23 -9.79
C ASP A 250 3.39 -7.06 -10.53
N LEU A 251 3.92 -7.27 -11.73
CA LEU A 251 4.69 -6.22 -12.47
C LEU A 251 3.81 -5.52 -13.52
N THR A 252 2.49 -5.46 -13.32
CA THR A 252 1.51 -4.91 -14.31
C THR A 252 1.69 -3.39 -14.44
N LYS A 253 2.08 -2.69 -13.38
CA LYS A 253 2.38 -1.22 -13.39
C LYS A 253 3.32 -0.90 -14.55
N TRP A 254 4.32 -1.74 -14.81
CA TRP A 254 5.17 -1.66 -16.02
C TRP A 254 4.43 -2.37 -17.15
N ASP A 255 4.11 -1.71 -18.26
CA ASP A 255 3.26 -2.35 -19.30
C ASP A 255 4.18 -3.29 -20.09
N LEU A 256 4.53 -4.45 -19.54
CA LEU A 256 5.43 -5.41 -20.23
C LEU A 256 4.68 -6.17 -21.32
N PHE A 257 3.37 -6.40 -21.18
CA PHE A 257 2.56 -7.11 -22.20
C PHE A 257 2.70 -6.41 -23.56
N GLY A 258 2.74 -5.08 -23.57
CA GLY A 258 2.80 -4.28 -24.81
C GLY A 258 4.01 -4.66 -25.65
N ASN A 259 5.20 -4.73 -25.04
CA ASN A 259 6.49 -4.98 -25.73
C ASN A 259 6.65 -6.48 -26.03
N CYS A 260 6.20 -7.35 -25.13
CA CYS A 260 6.15 -8.80 -25.41
C CYS A 260 5.29 -9.02 -26.66
N TYR A 261 4.16 -8.30 -26.75
CA TYR A 261 3.19 -8.42 -27.86
C TYR A 261 3.84 -8.04 -29.20
N ARG A 262 4.70 -7.01 -29.22
CA ARG A 262 5.38 -6.53 -30.44
C ARG A 262 6.41 -7.56 -30.90
N LEU A 263 7.17 -8.09 -29.94
CA LEU A 263 8.21 -9.13 -30.16
C LEU A 263 7.55 -10.33 -30.83
N LEU A 264 6.41 -10.77 -30.31
CA LEU A 264 5.66 -11.94 -30.84
C LEU A 264 5.02 -11.61 -32.21
N LYS A 265 4.39 -10.44 -32.37
CA LYS A 265 3.76 -10.04 -33.66
C LYS A 265 4.84 -10.03 -34.74
N THR A 266 5.98 -9.42 -34.43
CA THR A 266 7.18 -9.36 -35.31
C THR A 266 7.65 -10.76 -35.69
N GLY A 267 7.59 -11.70 -34.74
CA GLY A 267 8.10 -13.07 -34.90
C GLY A 267 7.20 -13.89 -35.79
N ILE A 268 5.89 -13.69 -35.68
CA ILE A 268 4.88 -14.30 -36.59
C ILE A 268 5.06 -13.66 -37.98
N GLU A 269 4.98 -12.34 -38.10
CA GLU A 269 5.00 -11.62 -39.39
C GLU A 269 6.21 -12.09 -40.20
N HIS A 270 7.42 -11.82 -39.69
CA HIS A 270 8.70 -11.93 -40.44
C HIS A 270 9.36 -13.28 -40.12
N GLY A 271 8.75 -14.07 -39.22
CA GLY A 271 9.10 -15.49 -38.97
C GLY A 271 10.51 -15.72 -38.44
N ALA A 272 11.21 -14.70 -37.92
CA ALA A 272 12.68 -14.73 -37.66
C ALA A 272 13.03 -14.28 -36.24
N MET A 273 12.09 -14.38 -35.28
CA MET A 273 12.35 -14.10 -33.83
C MET A 273 12.98 -15.33 -33.17
N PRO A 274 14.19 -15.21 -32.58
CA PRO A 274 14.80 -16.34 -31.89
C PRO A 274 13.85 -17.08 -30.94
N GLU A 275 13.95 -18.41 -30.88
CA GLU A 275 13.00 -19.30 -30.15
C GLU A 275 12.90 -18.87 -28.68
N GLN A 276 14.00 -18.62 -27.98
CA GLN A 276 13.94 -18.35 -26.52
C GLN A 276 13.24 -17.01 -26.30
N ILE A 277 13.45 -16.01 -27.16
CA ILE A 277 12.72 -14.72 -27.03
C ILE A 277 11.21 -14.99 -27.16
N VAL A 278 10.79 -15.82 -28.11
CA VAL A 278 9.34 -16.12 -28.24
C VAL A 278 8.84 -16.83 -26.97
N VAL A 279 9.52 -17.90 -26.56
CA VAL A 279 9.11 -18.71 -25.38
C VAL A 279 8.97 -17.75 -24.20
N GLN A 280 9.98 -16.94 -23.91
CA GLN A 280 10.01 -16.05 -22.72
C GLN A 280 8.90 -14.99 -22.84
N ALA A 281 8.77 -14.36 -24.00
CA ALA A 281 7.73 -13.36 -24.33
C ALA A 281 6.33 -13.96 -24.08
N LEU A 282 6.11 -15.21 -24.49
CA LEU A 282 4.83 -15.92 -24.25
C LEU A 282 4.59 -16.04 -22.73
N GLN A 283 5.58 -16.55 -21.99
CA GLN A 283 5.47 -16.76 -20.53
C GLN A 283 5.16 -15.40 -19.86
N CYS A 284 5.96 -14.38 -20.14
CA CYS A 284 5.80 -13.04 -19.53
C CYS A 284 4.37 -12.50 -19.77
N SER A 285 3.92 -12.46 -21.01
CA SER A 285 2.55 -12.06 -21.40
C SER A 285 1.49 -12.81 -20.57
N HIS A 286 1.68 -14.13 -20.43
CA HIS A 286 0.79 -15.02 -19.64
C HIS A 286 0.74 -14.49 -18.20
N TYR A 287 1.90 -14.27 -17.56
CA TYR A 287 1.99 -13.80 -16.16
C TYR A 287 1.33 -12.43 -16.01
N SER A 288 1.48 -11.54 -16.99
CA SER A 288 0.81 -10.21 -17.00
C SER A 288 -0.70 -10.45 -16.91
N ILE A 289 -1.23 -11.32 -17.79
CA ILE A 289 -2.70 -11.56 -17.93
C ILE A 289 -3.26 -12.15 -16.64
N LEU A 290 -2.61 -13.17 -16.08
CA LEU A 290 -3.03 -13.81 -14.79
C LEU A 290 -3.13 -12.77 -13.68
N TRP A 291 -2.17 -11.84 -13.64
CA TRP A 291 -2.14 -10.76 -12.63
C TRP A 291 -3.25 -9.75 -12.93
N GLN A 292 -3.44 -9.36 -14.19
CA GLN A 292 -4.57 -8.48 -14.59
C GLN A 292 -5.88 -9.11 -14.10
N LEU A 293 -6.00 -10.44 -14.17
CA LEU A 293 -7.23 -11.18 -13.82
C LEU A 293 -7.46 -11.12 -12.30
N VAL A 294 -6.42 -11.31 -11.50
CA VAL A 294 -6.50 -11.26 -10.00
C VAL A 294 -6.95 -9.87 -9.54
N LYS A 295 -6.42 -8.80 -10.15
CA LYS A 295 -6.79 -7.40 -9.78
C LYS A 295 -8.26 -7.18 -10.14
N ILE A 296 -8.77 -7.90 -11.14
CA ILE A 296 -10.14 -7.70 -11.68
C ILE A 296 -11.15 -8.54 -10.88
N THR A 297 -10.80 -9.77 -10.45
CA THR A 297 -11.61 -10.58 -9.50
C THR A 297 -11.83 -9.80 -8.20
N ASP A 298 -10.71 -9.46 -7.54
CA ASP A 298 -10.65 -8.91 -6.14
C ASP A 298 -11.21 -7.48 -6.13
N GLY A 299 -10.91 -6.65 -7.13
CA GLY A 299 -11.52 -5.32 -7.33
C GLY A 299 -13.03 -5.42 -7.49
N SER A 300 -13.70 -4.30 -7.79
CA SER A 300 -15.13 -4.23 -8.16
C SER A 300 -15.22 -3.60 -9.55
N PRO A 301 -14.86 -4.37 -10.61
CA PRO A 301 -14.48 -3.81 -11.90
C PRO A 301 -15.67 -3.36 -12.76
N SER A 302 -15.47 -2.31 -13.56
CA SER A 302 -16.51 -1.69 -14.42
C SER A 302 -16.68 -2.54 -15.68
N LYS A 303 -17.58 -2.14 -16.57
CA LYS A 303 -17.81 -2.78 -17.88
C LYS A 303 -16.54 -2.67 -18.73
N GLU A 304 -15.92 -1.47 -18.79
CA GLU A 304 -14.80 -1.15 -19.71
C GLU A 304 -13.50 -1.78 -19.18
N ASP A 305 -13.41 -2.00 -17.87
CA ASP A 305 -12.31 -2.77 -17.23
C ASP A 305 -12.31 -4.17 -17.84
N LEU A 306 -13.43 -4.87 -17.74
CA LEU A 306 -13.67 -6.24 -18.28
C LEU A 306 -13.36 -6.29 -19.78
N LEU A 307 -13.86 -5.31 -20.55
CA LEU A 307 -13.77 -5.33 -22.03
C LEU A 307 -12.34 -5.00 -22.49
N VAL A 308 -11.55 -4.31 -21.66
CA VAL A 308 -10.11 -4.07 -21.95
C VAL A 308 -9.36 -5.37 -21.67
N LEU A 309 -9.61 -6.04 -20.54
CA LEU A 309 -8.88 -7.30 -20.26
C LEU A 309 -9.24 -8.34 -21.33
N ARG A 310 -10.50 -8.35 -21.80
CA ARG A 310 -10.98 -9.28 -22.86
C ARG A 310 -10.16 -9.08 -24.14
N LYS A 311 -10.07 -7.85 -24.62
CA LYS A 311 -9.36 -7.54 -25.90
C LYS A 311 -7.92 -8.04 -25.79
N THR A 312 -7.30 -7.83 -24.62
CA THR A 312 -5.92 -8.26 -24.32
C THR A 312 -5.86 -9.78 -24.44
N VAL A 313 -6.80 -10.46 -23.79
CA VAL A 313 -6.82 -11.96 -23.71
C VAL A 313 -7.12 -12.54 -25.09
N LYS A 314 -8.04 -11.96 -25.87
CA LYS A 314 -8.38 -12.49 -27.23
C LYS A 314 -7.13 -12.27 -28.12
N SER A 315 -6.45 -11.13 -27.98
CA SER A 315 -5.29 -10.81 -28.84
C SER A 315 -4.16 -11.80 -28.51
N PHE A 316 -4.07 -12.23 -27.25
CA PHE A 316 -3.00 -13.14 -26.78
C PHE A 316 -3.33 -14.60 -27.18
N LEU A 317 -4.58 -15.05 -26.99
CA LEU A 317 -5.07 -16.36 -27.52
C LEU A 317 -4.76 -16.47 -29.02
N ALA A 318 -5.06 -15.43 -29.78
CA ALA A 318 -4.67 -15.33 -31.21
C ALA A 318 -3.15 -15.58 -31.37
N VAL A 319 -2.30 -14.89 -30.61
CA VAL A 319 -0.80 -15.00 -30.72
C VAL A 319 -0.37 -16.47 -30.45
N CYS A 320 -0.90 -17.09 -29.40
CA CYS A 320 -0.52 -18.47 -28.98
C CYS A 320 -0.94 -19.42 -30.11
N GLN A 321 -2.11 -19.21 -30.71
CA GLN A 321 -2.62 -20.04 -31.81
C GLN A 321 -1.62 -19.94 -32.96
N GLN A 322 -1.26 -18.73 -33.34
CA GLN A 322 -0.38 -18.52 -34.53
C GLN A 322 0.96 -19.19 -34.24
N CYS A 323 1.38 -19.23 -32.96
CA CYS A 323 2.71 -19.70 -32.50
C CYS A 323 2.79 -21.23 -32.53
N LEU A 324 1.66 -21.94 -32.59
CA LEU A 324 1.67 -23.41 -32.84
C LEU A 324 2.35 -23.71 -34.18
N SER A 325 2.33 -22.76 -35.12
CA SER A 325 2.90 -22.92 -36.48
C SER A 325 4.39 -22.58 -36.52
N ASN A 326 4.97 -22.06 -35.43
CA ASN A 326 6.42 -21.72 -35.32
C ASN A 326 7.20 -23.02 -35.52
N VAL A 327 8.32 -22.99 -36.27
CA VAL A 327 9.13 -24.20 -36.60
C VAL A 327 9.69 -24.84 -35.31
N ASN A 328 10.06 -24.02 -34.33
CA ASN A 328 10.77 -24.47 -33.11
C ASN A 328 9.75 -25.15 -32.18
N THR A 329 9.97 -26.41 -31.83
CA THR A 329 8.94 -27.16 -31.07
C THR A 329 8.86 -26.55 -29.66
N PRO A 330 9.95 -26.01 -29.06
CA PRO A 330 9.83 -25.38 -27.73
C PRO A 330 8.80 -24.24 -27.68
N VAL A 331 8.62 -23.53 -28.80
CA VAL A 331 7.60 -22.46 -28.94
C VAL A 331 6.23 -23.14 -28.96
N LYS A 332 6.05 -24.16 -29.79
CA LYS A 332 4.76 -24.89 -29.93
C LYS A 332 4.26 -25.39 -28.58
N GLU A 333 5.16 -26.04 -27.84
CA GLU A 333 4.86 -26.58 -26.49
C GLU A 333 4.43 -25.43 -25.58
N GLN A 334 5.20 -24.34 -25.55
CA GLN A 334 4.88 -23.15 -24.70
C GLN A 334 3.48 -22.64 -25.10
N ALA A 335 3.28 -22.32 -26.38
CA ALA A 335 2.00 -21.84 -26.92
C ALA A 335 0.90 -22.84 -26.57
N PHE A 336 1.16 -24.14 -26.77
CA PHE A 336 0.18 -25.20 -26.44
C PHE A 336 -0.15 -25.12 -24.94
N MET A 337 0.86 -25.13 -24.05
CA MET A 337 0.61 -25.16 -22.59
C MET A 337 -0.26 -23.95 -22.22
N LEU A 338 0.06 -22.78 -22.77
CA LEU A 338 -0.68 -21.53 -22.39
C LEU A 338 -2.11 -21.61 -22.92
N LEU A 339 -2.30 -22.04 -24.18
CA LEU A 339 -3.65 -22.27 -24.76
C LEU A 339 -4.48 -23.13 -23.76
N CYS A 340 -3.90 -24.21 -23.23
CA CYS A 340 -4.63 -25.22 -22.43
C CYS A 340 -4.91 -24.69 -21.01
N ASP A 341 -4.06 -23.80 -20.49
CA ASP A 341 -4.31 -23.02 -19.25
C ASP A 341 -5.45 -22.01 -19.49
N LEU A 342 -5.25 -21.08 -20.45
CA LEU A 342 -6.10 -19.90 -20.68
C LEU A 342 -7.50 -20.36 -21.09
N LEU A 343 -7.61 -21.37 -21.95
CA LEU A 343 -8.94 -21.90 -22.37
C LEU A 343 -9.66 -22.53 -21.17
N MET A 344 -8.95 -22.89 -20.09
CA MET A 344 -9.55 -23.50 -18.89
C MET A 344 -9.92 -22.39 -17.89
N ILE A 345 -9.10 -21.33 -17.81
CA ILE A 345 -9.26 -20.17 -16.87
C ILE A 345 -10.39 -19.27 -17.33
N PHE A 346 -10.43 -18.96 -18.63
CA PHE A 346 -11.45 -18.10 -19.30
C PHE A 346 -12.54 -18.99 -19.91
N SER A 347 -12.74 -20.17 -19.31
CA SER A 347 -13.94 -21.02 -19.50
C SER A 347 -15.10 -20.48 -18.66
N HIS A 348 -16.19 -21.23 -18.58
CA HIS A 348 -17.42 -20.86 -17.83
C HIS A 348 -17.16 -21.06 -16.33
N GLN A 349 -16.11 -21.81 -15.98
CA GLN A 349 -15.66 -21.99 -14.58
C GLN A 349 -15.55 -20.59 -13.94
N LEU A 350 -15.01 -19.63 -14.68
CA LEU A 350 -14.78 -18.23 -14.25
C LEU A 350 -16.02 -17.61 -13.59
N MET A 351 -17.21 -18.14 -13.87
CA MET A 351 -18.49 -17.65 -13.29
C MET A 351 -18.96 -18.61 -12.19
N THR A 352 -18.04 -19.13 -11.38
CA THR A 352 -18.36 -19.78 -10.07
C THR A 352 -18.33 -18.71 -8.96
N GLY A 353 -18.60 -19.11 -7.71
CA GLY A 353 -18.55 -18.24 -6.52
C GLY A 353 -19.16 -16.87 -6.78
N GLY A 354 -20.42 -16.84 -7.23
CA GLY A 354 -21.27 -15.63 -7.37
C GLY A 354 -20.63 -14.55 -8.25
N ARG A 355 -19.64 -14.92 -9.07
CA ARG A 355 -18.84 -13.98 -9.91
C ARG A 355 -19.38 -14.00 -11.35
N GLU A 356 -20.69 -13.85 -11.55
CA GLU A 356 -21.31 -13.85 -12.91
C GLU A 356 -21.05 -12.52 -13.63
N GLY A 357 -20.40 -11.55 -12.95
CA GLY A 357 -19.96 -10.28 -13.54
C GLY A 357 -18.97 -10.52 -14.67
N LEU A 358 -18.22 -11.61 -14.58
CA LEU A 358 -17.06 -11.93 -15.46
C LEU A 358 -17.49 -12.54 -16.81
N GLN A 359 -18.78 -12.77 -17.05
CA GLN A 359 -19.28 -13.39 -18.31
C GLN A 359 -18.59 -12.80 -19.53
N PRO A 360 -18.37 -11.47 -19.61
CA PRO A 360 -17.74 -10.88 -20.80
C PRO A 360 -16.30 -11.37 -21.03
N LEU A 361 -15.67 -11.93 -20.00
CA LEU A 361 -14.32 -12.52 -20.07
C LEU A 361 -14.31 -13.98 -20.55
N VAL A 362 -15.48 -14.65 -20.71
CA VAL A 362 -15.55 -16.10 -21.05
C VAL A 362 -15.22 -16.30 -22.53
N PHE A 363 -14.46 -17.34 -22.87
CA PHE A 363 -13.96 -17.61 -24.25
C PHE A 363 -14.24 -19.06 -24.64
N ASN A 364 -14.81 -19.25 -25.82
CA ASN A 364 -14.99 -20.59 -26.42
C ASN A 364 -14.06 -20.66 -27.61
N PRO A 365 -13.14 -21.63 -27.62
CA PRO A 365 -12.20 -21.77 -28.72
C PRO A 365 -12.99 -22.13 -29.98
N ASP A 366 -12.71 -21.47 -31.10
CA ASP A 366 -13.43 -21.73 -32.37
C ASP A 366 -13.03 -23.14 -32.85
N THR A 367 -13.47 -23.51 -34.07
CA THR A 367 -13.25 -24.84 -34.67
C THR A 367 -11.76 -24.98 -35.02
N GLY A 368 -11.24 -23.99 -35.75
CA GLY A 368 -9.84 -23.94 -36.23
C GLY A 368 -8.90 -24.23 -35.09
N LEU A 369 -9.09 -23.53 -33.96
CA LEU A 369 -8.23 -23.64 -32.75
C LEU A 369 -8.37 -25.04 -32.16
N GLN A 370 -9.60 -25.52 -31.94
CA GLN A 370 -9.82 -26.90 -31.43
C GLN A 370 -9.07 -27.91 -32.30
N SER A 371 -9.13 -27.77 -33.63
CA SER A 371 -8.46 -28.70 -34.58
C SER A 371 -6.94 -28.60 -34.41
N GLU A 372 -6.39 -27.38 -34.28
CA GLU A 372 -4.93 -27.16 -34.10
C GLU A 372 -4.48 -27.75 -32.75
N LEU A 373 -5.33 -27.66 -31.71
CA LEU A 373 -5.06 -28.25 -30.38
C LEU A 373 -5.15 -29.77 -30.47
N LEU A 374 -5.83 -30.31 -31.47
CA LEU A 374 -5.87 -31.77 -31.75
C LEU A 374 -4.58 -32.16 -32.47
N SER A 375 -4.20 -31.44 -33.54
CA SER A 375 -2.95 -31.65 -34.34
C SER A 375 -1.73 -31.80 -33.41
N PHE A 376 -1.46 -30.78 -32.58
CA PHE A 376 -0.29 -30.74 -31.66
C PHE A 376 -0.24 -32.02 -30.83
N VAL A 377 -1.38 -32.50 -30.33
CA VAL A 377 -1.42 -33.76 -29.53
C VAL A 377 -0.91 -34.91 -30.41
N MET A 378 -1.40 -35.00 -31.66
CA MET A 378 -1.05 -36.09 -32.61
C MET A 378 0.45 -36.04 -32.97
N ASP A 379 1.00 -34.82 -33.03
CA ASP A 379 2.33 -34.52 -33.63
C ASP A 379 3.42 -34.44 -32.55
N HIS A 380 3.08 -34.04 -31.32
CA HIS A 380 4.07 -33.58 -30.30
C HIS A 380 3.88 -34.27 -28.95
N VAL A 381 2.70 -34.84 -28.65
CA VAL A 381 2.51 -35.74 -27.48
C VAL A 381 2.84 -37.16 -27.94
N PHE A 382 2.15 -37.67 -28.97
CA PHE A 382 2.24 -39.07 -29.48
C PHE A 382 3.25 -39.15 -30.64
N ILE A 383 4.52 -39.31 -30.27
CA ILE A 383 5.70 -39.32 -31.19
C ILE A 383 6.35 -40.73 -31.22
N ASP A 384 6.82 -41.16 -32.41
CA ASP A 384 7.48 -42.48 -32.68
C ASP A 384 8.74 -42.61 -31.83
N GLN A 385 9.62 -41.60 -31.94
CA GLN A 385 10.95 -41.48 -31.28
C GLN A 385 11.49 -40.09 -31.61
N GLU A 399 20.52 -40.28 -22.12
CA GLU A 399 19.42 -40.93 -21.34
C GLU A 399 18.53 -39.84 -20.72
N ALA A 400 18.91 -39.35 -19.53
CA ALA A 400 18.05 -38.67 -18.52
C ALA A 400 17.07 -37.71 -19.18
N ASN A 401 17.50 -37.05 -20.27
CA ASN A 401 16.70 -36.14 -21.13
C ASN A 401 15.36 -36.77 -21.53
N LYS A 402 15.27 -38.10 -21.62
CA LYS A 402 14.10 -38.82 -22.19
C LYS A 402 13.06 -39.09 -21.09
N ILE A 403 13.45 -39.45 -19.85
CA ILE A 403 12.43 -39.52 -18.75
C ILE A 403 11.86 -38.10 -18.54
N GLU A 404 12.64 -37.05 -18.82
CA GLU A 404 12.23 -35.64 -18.58
C GLU A 404 11.29 -35.21 -19.73
N ALA A 405 11.70 -35.44 -20.97
CA ALA A 405 10.88 -35.15 -22.17
C ALA A 405 9.55 -35.91 -22.11
N LEU A 406 9.48 -37.08 -21.47
CA LEU A 406 8.23 -37.88 -21.34
C LEU A 406 7.30 -37.27 -20.29
N HIS A 407 7.83 -36.81 -19.15
CA HIS A 407 6.99 -36.23 -18.08
C HIS A 407 6.31 -34.96 -18.62
N LYS A 408 7.03 -34.24 -19.50
CA LYS A 408 6.55 -33.01 -20.19
C LYS A 408 5.36 -33.36 -21.11
N ARG A 409 5.52 -34.34 -21.99
CA ARG A 409 4.45 -34.76 -22.92
C ARG A 409 3.25 -35.24 -22.08
N ARG A 410 3.53 -35.90 -20.95
CA ARG A 410 2.46 -36.27 -19.99
C ARG A 410 1.74 -34.99 -19.57
N ASN A 411 2.47 -33.94 -19.19
CA ASN A 411 1.84 -32.72 -18.64
C ASN A 411 1.03 -32.04 -19.74
N LEU A 412 1.59 -31.96 -20.96
CA LEU A 412 0.90 -31.41 -22.16
C LEU A 412 -0.41 -32.17 -22.38
N LEU A 413 -0.41 -33.50 -22.37
CA LEU A 413 -1.65 -34.30 -22.54
C LEU A 413 -2.61 -34.00 -21.39
N ALA A 414 -2.10 -33.97 -20.16
CA ALA A 414 -2.93 -33.85 -18.93
C ALA A 414 -3.63 -32.49 -18.97
N ALA A 415 -2.88 -31.46 -19.37
CA ALA A 415 -3.41 -30.09 -19.53
C ALA A 415 -4.52 -30.15 -20.57
N PHE A 416 -4.30 -30.87 -21.67
CA PHE A 416 -5.27 -30.98 -22.79
C PHE A 416 -6.45 -31.87 -22.37
N SER A 417 -6.20 -32.90 -21.55
CA SER A 417 -7.28 -33.76 -21.00
C SER A 417 -8.35 -32.89 -20.35
N LYS A 418 -7.95 -31.90 -19.54
CA LYS A 418 -8.90 -31.04 -18.78
C LYS A 418 -9.90 -30.39 -19.76
N LEU A 419 -9.47 -30.00 -20.95
CA LEU A 419 -10.34 -29.32 -21.95
C LEU A 419 -11.34 -30.32 -22.50
N ILE A 420 -10.92 -31.57 -22.66
CA ILE A 420 -11.78 -32.67 -23.19
C ILE A 420 -12.92 -32.92 -22.20
N ILE A 421 -12.59 -33.13 -20.93
CA ILE A 421 -13.56 -33.47 -19.85
C ILE A 421 -14.72 -32.45 -19.84
N TYR A 422 -14.46 -31.17 -20.08
CA TYR A 422 -15.46 -30.08 -19.95
C TYR A 422 -15.91 -29.57 -21.32
N ASP A 423 -15.61 -30.34 -22.35
CA ASP A 423 -16.18 -30.22 -23.73
C ASP A 423 -15.73 -28.89 -24.35
N ILE A 424 -14.58 -28.36 -23.91
CA ILE A 424 -13.99 -27.10 -24.44
C ILE A 424 -13.35 -27.38 -25.81
N VAL A 425 -12.83 -28.59 -26.05
CA VAL A 425 -12.58 -29.12 -27.42
C VAL A 425 -13.62 -30.19 -27.70
N ASP A 426 -13.74 -30.61 -28.96
CA ASP A 426 -14.56 -31.78 -29.37
C ASP A 426 -14.05 -33.01 -28.59
N MET A 427 -14.87 -33.57 -27.68
CA MET A 427 -14.42 -34.70 -26.83
C MET A 427 -14.41 -36.00 -27.66
N HIS A 428 -15.18 -36.07 -28.75
CA HIS A 428 -15.28 -37.27 -29.63
C HIS A 428 -14.03 -37.36 -30.53
N ALA A 429 -13.68 -36.28 -31.24
CA ALA A 429 -12.45 -36.19 -32.09
C ALA A 429 -11.20 -36.49 -31.26
N ALA A 430 -11.22 -36.13 -29.98
CA ALA A 430 -10.13 -36.39 -29.03
C ALA A 430 -10.01 -37.91 -28.81
N ALA A 431 -11.11 -38.57 -28.45
CA ALA A 431 -11.15 -40.01 -28.12
C ALA A 431 -10.85 -40.84 -29.37
N ASP A 432 -11.32 -40.37 -30.54
CA ASP A 432 -10.94 -40.95 -31.85
C ASP A 432 -9.42 -41.04 -31.93
N ILE A 433 -8.71 -39.97 -31.59
CA ILE A 433 -7.21 -39.95 -31.54
C ILE A 433 -6.71 -40.94 -30.47
N PHE A 434 -7.37 -41.06 -29.31
CA PHE A 434 -6.89 -41.95 -28.21
C PHE A 434 -7.11 -43.41 -28.63
N LYS A 435 -8.24 -43.69 -29.28
CA LYS A 435 -8.45 -44.97 -29.99
C LYS A 435 -7.17 -45.26 -30.81
N HIS A 436 -6.92 -44.47 -31.86
CA HIS A 436 -5.85 -44.71 -32.88
C HIS A 436 -4.55 -45.12 -32.20
N TYR A 437 -4.16 -44.42 -31.14
CA TYR A 437 -2.81 -44.55 -30.52
C TYR A 437 -2.82 -45.68 -29.47
N MET A 438 -3.99 -46.12 -29.01
CA MET A 438 -4.12 -47.22 -28.02
C MET A 438 -4.32 -48.56 -28.76
N LYS A 439 -4.60 -48.51 -30.07
CA LYS A 439 -5.07 -49.66 -30.89
C LYS A 439 -4.34 -50.95 -30.48
N TYR A 440 -3.00 -50.99 -30.59
CA TYR A 440 -2.17 -52.19 -30.32
C TYR A 440 -2.43 -52.71 -28.89
N TYR A 441 -2.79 -51.85 -27.95
CA TYR A 441 -3.16 -52.29 -26.58
C TYR A 441 -4.56 -52.92 -26.62
N ASN A 442 -5.46 -52.45 -27.49
CA ASN A 442 -6.86 -52.95 -27.56
C ASN A 442 -6.94 -54.15 -28.50
N ASP A 443 -5.93 -54.39 -29.33
CA ASP A 443 -5.93 -55.45 -30.36
C ASP A 443 -5.17 -56.67 -29.85
N TYR A 444 -4.11 -56.50 -29.07
CA TYR A 444 -3.14 -57.58 -28.73
C TYR A 444 -2.78 -57.59 -27.24
N GLY A 445 -3.31 -56.66 -26.44
CA GLY A 445 -2.84 -56.41 -25.07
C GLY A 445 -3.04 -57.61 -24.17
N ASP A 446 -4.21 -58.23 -24.21
CA ASP A 446 -4.56 -59.41 -23.37
C ASP A 446 -3.51 -60.49 -23.65
N ILE A 447 -3.21 -60.73 -24.93
CA ILE A 447 -2.27 -61.80 -25.39
C ILE A 447 -0.85 -61.45 -24.89
N ILE A 448 -0.45 -60.20 -25.06
CA ILE A 448 0.83 -59.66 -24.51
C ILE A 448 0.81 -59.79 -22.98
N LYS A 449 -0.31 -59.46 -22.33
CA LYS A 449 -0.36 -59.42 -20.85
C LYS A 449 -0.03 -60.82 -20.32
N GLU A 450 -0.83 -61.83 -20.72
CA GLU A 450 -0.75 -63.21 -20.16
C GLU A 450 0.59 -63.84 -20.55
N THR A 451 1.07 -63.64 -21.78
CA THR A 451 2.43 -64.08 -22.21
C THR A 451 3.46 -63.63 -21.18
N LEU A 452 3.51 -62.33 -20.87
CA LEU A 452 4.54 -61.72 -20.00
C LEU A 452 4.38 -62.22 -18.56
N SER A 453 3.16 -62.57 -18.14
CA SER A 453 2.87 -63.12 -16.78
C SER A 453 3.68 -64.42 -16.58
N LYS A 454 3.68 -65.33 -17.57
CA LYS A 454 4.33 -66.67 -17.50
C LYS A 454 5.80 -66.63 -17.96
N THR A 455 6.62 -65.69 -17.49
CA THR A 455 8.09 -65.66 -17.76
C THR A 455 8.83 -65.05 -16.56
N PRO B 4 -31.81 -7.78 -2.22
CA PRO B 4 -33.13 -8.08 -1.60
C PRO B 4 -33.87 -6.82 -1.09
N ASN B 5 -33.11 -5.91 -0.46
CA ASN B 5 -33.56 -4.60 0.07
C ASN B 5 -33.18 -3.49 -0.91
N GLY B 6 -32.61 -3.84 -2.06
CA GLY B 6 -32.14 -2.86 -3.06
C GLY B 6 -33.20 -1.79 -3.31
N ASN B 7 -34.45 -2.20 -3.48
CA ASN B 7 -35.58 -1.31 -3.85
C ASN B 7 -35.90 -0.35 -2.69
N LEU B 8 -36.06 -0.91 -1.49
CA LEU B 8 -36.45 -0.17 -0.26
C LEU B 8 -35.51 1.03 -0.03
N ILE B 9 -34.19 0.79 -0.05
CA ILE B 9 -33.14 1.83 0.15
C ILE B 9 -33.35 2.92 -0.92
N ARG B 10 -33.50 2.52 -2.19
CA ARG B 10 -33.57 3.49 -3.30
C ARG B 10 -34.80 4.37 -3.08
N MET B 11 -35.86 3.82 -2.48
CA MET B 11 -37.07 4.61 -2.12
C MET B 11 -36.80 5.46 -0.87
N LEU B 12 -36.20 4.87 0.16
CA LEU B 12 -35.77 5.63 1.35
C LEU B 12 -35.05 6.89 0.84
N VAL B 13 -34.21 6.76 -0.18
CA VAL B 13 -33.45 7.93 -0.70
C VAL B 13 -34.48 8.96 -1.15
N LEU B 14 -35.38 8.58 -2.07
CA LEU B 14 -36.41 9.45 -2.71
C LEU B 14 -37.24 10.12 -1.62
N PHE B 15 -37.85 9.32 -0.76
CA PHE B 15 -38.63 9.81 0.40
C PHE B 15 -37.88 10.99 1.01
N PHE B 16 -36.57 10.83 1.19
CA PHE B 16 -35.71 11.76 1.97
C PHE B 16 -35.53 13.10 1.23
N LEU B 17 -35.10 13.11 -0.05
CA LEU B 17 -34.71 14.39 -0.68
C LEU B 17 -35.87 15.07 -1.42
N GLU B 18 -36.96 14.37 -1.75
CA GLU B 18 -38.17 15.05 -2.27
C GLU B 18 -39.06 15.53 -1.11
N SER B 19 -38.74 15.18 0.14
CA SER B 19 -39.32 15.81 1.36
C SER B 19 -38.89 17.28 1.43
N GLU B 20 -37.80 17.63 0.74
CA GLU B 20 -37.21 19.00 0.70
C GLU B 20 -36.95 19.46 2.15
N LEU B 21 -36.43 18.55 2.99
CA LEU B 21 -35.98 18.83 4.39
C LEU B 21 -34.55 18.30 4.56
N HIS B 22 -33.68 18.56 3.57
CA HIS B 22 -32.30 18.00 3.41
C HIS B 22 -31.45 18.14 4.68
N GLU B 23 -31.88 18.96 5.65
CA GLU B 23 -31.19 19.13 6.95
C GLU B 23 -31.46 17.92 7.85
N HIS B 24 -32.36 17.00 7.47
CA HIS B 24 -33.03 16.04 8.38
C HIS B 24 -32.49 14.60 8.24
N ALA B 25 -31.40 14.38 7.50
CA ALA B 25 -30.85 13.02 7.23
C ALA B 25 -30.75 12.23 8.54
N ALA B 26 -30.17 12.85 9.57
CA ALA B 26 -29.96 12.21 10.88
C ALA B 26 -31.32 12.00 11.54
N TYR B 27 -32.25 12.94 11.35
CA TYR B 27 -33.59 12.95 12.01
C TYR B 27 -34.41 11.78 11.46
N LEU B 28 -34.38 11.62 10.12
CA LEU B 28 -35.07 10.50 9.40
C LEU B 28 -34.57 9.15 9.93
N VAL B 29 -33.26 8.93 9.93
CA VAL B 29 -32.68 7.65 10.41
C VAL B 29 -33.16 7.35 11.84
N ASP B 30 -33.29 8.35 12.72
CA ASP B 30 -33.62 8.12 14.14
C ASP B 30 -35.13 7.84 14.29
N SER B 31 -35.98 8.65 13.64
CA SER B 31 -37.44 8.46 13.66
C SER B 31 -37.80 7.11 13.03
N LEU B 32 -36.90 6.51 12.23
CA LEU B 32 -37.14 5.22 11.56
C LEU B 32 -36.51 4.06 12.33
N TRP B 33 -35.63 4.35 13.29
CA TRP B 33 -34.65 3.36 13.83
C TRP B 33 -35.37 2.26 14.62
N GLU B 34 -36.39 2.60 15.42
CA GLU B 34 -37.15 1.57 16.20
C GLU B 34 -37.66 0.50 15.23
N SER B 35 -38.37 0.91 14.17
CA SER B 35 -39.11 0.04 13.22
C SER B 35 -38.17 -0.66 12.22
N SER B 36 -37.07 -0.04 11.82
CA SER B 36 -36.40 -0.41 10.55
C SER B 36 -34.87 -0.49 10.69
N GLN B 37 -34.33 -0.84 11.86
CA GLN B 37 -32.85 -0.89 12.01
C GLN B 37 -32.29 -2.10 11.24
N GLU B 38 -33.05 -3.18 11.10
CA GLU B 38 -32.63 -4.34 10.24
C GLU B 38 -32.21 -3.81 8.85
N LEU B 39 -33.05 -2.95 8.24
CA LEU B 39 -32.87 -2.45 6.84
C LEU B 39 -31.83 -1.33 6.87
N LEU B 40 -31.88 -0.50 7.92
CA LEU B 40 -31.02 0.70 8.04
C LEU B 40 -29.56 0.26 8.29
N LYS B 41 -29.31 -0.94 8.83
CA LYS B 41 -27.94 -1.51 8.96
C LYS B 41 -27.51 -2.41 7.78
N ASP B 42 -28.26 -2.51 6.68
CA ASP B 42 -27.84 -3.34 5.52
C ASP B 42 -26.78 -2.55 4.76
N TRP B 43 -25.57 -2.44 5.33
CA TRP B 43 -24.48 -1.60 4.75
C TRP B 43 -24.02 -2.20 3.42
N GLU B 44 -24.07 -3.54 3.29
CA GLU B 44 -23.64 -4.28 2.07
C GLU B 44 -24.52 -3.84 0.89
N CYS B 45 -25.84 -3.83 1.10
CA CYS B 45 -26.80 -3.35 0.08
C CYS B 45 -26.41 -1.92 -0.38
N MET B 46 -26.13 -1.01 0.57
CA MET B 46 -25.87 0.43 0.26
C MET B 46 -24.56 0.58 -0.51
N THR B 47 -23.48 -0.12 -0.10
CA THR B 47 -22.19 -0.06 -0.82
C THR B 47 -22.43 -0.59 -2.23
N GLU B 48 -23.15 -1.73 -2.33
CA GLU B 48 -23.63 -2.34 -3.60
C GLU B 48 -24.28 -1.25 -4.47
N LEU B 49 -25.32 -0.54 -3.99
CA LEU B 49 -26.00 0.51 -4.80
C LEU B 49 -25.01 1.58 -5.28
N LEU B 50 -23.93 1.84 -4.52
CA LEU B 50 -23.01 3.00 -4.75
C LEU B 50 -21.86 2.63 -5.70
N LEU B 51 -21.37 1.39 -5.65
CA LEU B 51 -20.15 0.95 -6.38
C LEU B 51 -20.47 0.28 -7.73
N GLU B 52 -21.73 -0.02 -8.04
CA GLU B 52 -22.10 -0.94 -9.16
C GLU B 52 -23.21 -0.34 -10.03
N GLU B 53 -23.64 -1.11 -11.05
CA GLU B 53 -24.84 -0.90 -11.90
C GLU B 53 -25.62 -2.23 -11.93
N ALA B 60 -29.92 3.49 -12.91
CA ALA B 60 -29.25 4.79 -13.14
C ALA B 60 -29.58 5.78 -12.01
N MET B 61 -28.78 5.82 -10.94
CA MET B 61 -28.98 6.74 -9.78
C MET B 61 -28.59 8.17 -10.18
N SER B 62 -29.34 9.19 -9.75
CA SER B 62 -28.99 10.60 -10.05
C SER B 62 -27.80 11.01 -9.18
N ASP B 63 -27.08 12.06 -9.58
CA ASP B 63 -25.91 12.60 -8.82
C ASP B 63 -26.38 12.87 -7.39
N ARG B 64 -27.29 13.83 -7.23
CA ARG B 64 -27.89 14.25 -5.95
C ARG B 64 -28.34 13.03 -5.14
N GLN B 65 -28.75 11.93 -5.79
CA GLN B 65 -29.31 10.71 -5.12
C GLN B 65 -28.18 9.91 -4.47
N GLU B 66 -26.98 9.95 -5.05
CA GLU B 66 -25.77 9.27 -4.49
C GLU B 66 -25.29 10.08 -3.26
N SER B 67 -25.18 11.40 -3.39
CA SER B 67 -24.90 12.31 -2.24
C SER B 67 -25.78 11.87 -1.07
N ALA B 68 -27.08 11.78 -1.30
CA ALA B 68 -28.09 11.56 -0.25
C ALA B 68 -27.99 10.12 0.26
N LEU B 69 -27.65 9.14 -0.58
CA LEU B 69 -27.48 7.74 -0.09
C LEU B 69 -26.21 7.68 0.77
N ILE B 70 -25.15 8.39 0.38
CA ILE B 70 -23.90 8.48 1.20
C ILE B 70 -24.20 9.12 2.56
N GLU B 71 -24.94 10.23 2.59
CA GLU B 71 -25.27 10.95 3.84
C GLU B 71 -26.11 10.06 4.75
N LEU B 72 -27.04 9.29 4.20
CA LEU B 72 -27.96 8.42 4.97
C LEU B 72 -27.17 7.20 5.47
N MET B 73 -26.28 6.68 4.64
CA MET B 73 -25.39 5.56 5.01
C MET B 73 -24.55 5.99 6.21
N VAL B 74 -23.83 7.11 6.11
CA VAL B 74 -23.01 7.66 7.24
C VAL B 74 -23.88 7.79 8.50
N CYS B 75 -25.07 8.37 8.41
CA CYS B 75 -25.97 8.55 9.59
C CYS B 75 -26.24 7.19 10.23
N THR B 76 -26.36 6.12 9.45
CA THR B 76 -26.76 4.78 9.96
C THR B 76 -25.62 4.24 10.83
N ILE B 77 -24.42 4.22 10.27
CA ILE B 77 -23.15 3.92 10.98
C ILE B 77 -23.16 4.59 12.36
N ARG B 78 -23.26 5.93 12.42
CA ARG B 78 -23.33 6.66 13.72
C ARG B 78 -24.41 6.03 14.61
N GLN B 79 -25.68 6.11 14.22
CA GLN B 79 -26.80 5.66 15.09
C GLN B 79 -26.50 4.23 15.58
N ALA B 80 -25.86 3.42 14.73
CA ALA B 80 -25.51 2.02 15.03
C ALA B 80 -24.44 1.99 16.13
N ALA B 81 -23.33 2.72 15.91
CA ALA B 81 -22.10 2.66 16.73
C ALA B 81 -22.35 3.25 18.13
N GLU B 82 -22.86 4.48 18.21
CA GLU B 82 -23.10 5.22 19.48
C GLU B 82 -24.38 4.71 20.16
N ALA B 83 -25.34 4.18 19.39
CA ALA B 83 -26.59 3.52 19.86
C ALA B 83 -27.38 4.46 20.77
N HIS B 84 -27.56 5.71 20.34
CA HIS B 84 -28.50 6.71 20.93
C HIS B 84 -28.93 7.68 19.84
N PRO B 85 -30.10 8.34 19.98
CA PRO B 85 -30.50 9.45 19.10
C PRO B 85 -29.42 10.50 18.82
N PRO B 86 -29.49 11.23 17.67
CA PRO B 86 -28.46 12.20 17.32
C PRO B 86 -28.64 13.51 18.09
N VAL B 87 -27.63 14.40 18.02
CA VAL B 87 -27.63 15.70 18.74
C VAL B 87 -28.98 16.40 18.49
N GLY B 88 -29.78 16.58 19.56
CA GLY B 88 -31.06 17.33 19.56
C GLY B 88 -32.27 16.42 19.62
N ARG B 89 -32.20 15.29 20.34
CA ARG B 89 -33.30 14.29 20.43
C ARG B 89 -33.33 13.64 21.84
N GLY B 90 -32.18 13.22 22.38
CA GLY B 90 -32.09 12.56 23.70
C GLY B 90 -32.75 13.37 24.81
N VAL B 95 -30.40 4.44 29.06
CA VAL B 95 -30.16 3.35 30.07
C VAL B 95 -30.35 1.99 29.36
N LEU B 96 -29.26 1.45 28.78
CA LEU B 96 -29.19 0.25 27.88
C LEU B 96 -29.64 -1.03 28.59
N THR B 97 -30.19 -1.99 27.84
CA THR B 97 -30.81 -3.22 28.37
C THR B 97 -29.73 -4.24 28.80
N ALA B 98 -28.63 -4.30 28.04
CA ALA B 98 -27.64 -5.43 28.02
C ALA B 98 -27.98 -6.32 26.82
N LYS B 99 -29.22 -6.22 26.33
CA LYS B 99 -29.67 -6.73 24.99
C LYS B 99 -29.36 -5.68 23.92
N GLU B 100 -29.67 -4.40 24.17
CA GLU B 100 -29.26 -3.27 23.28
C GLU B 100 -27.74 -3.13 23.30
N ARG B 101 -27.13 -3.27 24.49
CA ARG B 101 -25.65 -3.27 24.71
C ARG B 101 -25.04 -4.40 23.88
N LYS B 102 -25.71 -5.56 23.81
CA LYS B 102 -25.27 -6.69 22.94
C LYS B 102 -25.23 -6.19 21.49
N THR B 103 -26.38 -5.74 20.94
CA THR B 103 -26.54 -5.46 19.47
C THR B 103 -25.54 -4.37 19.04
N GLN B 104 -25.25 -3.40 19.93
CA GLN B 104 -24.31 -2.26 19.68
C GLN B 104 -22.89 -2.77 19.44
N ILE B 105 -22.48 -3.77 20.25
CA ILE B 105 -21.16 -4.45 20.14
C ILE B 105 -21.11 -5.14 18.76
N ASP B 106 -22.19 -5.84 18.40
CA ASP B 106 -22.31 -6.63 17.15
C ASP B 106 -22.23 -5.72 15.92
N ASP B 107 -22.93 -4.58 15.97
CA ASP B 107 -23.02 -3.59 14.85
C ASP B 107 -21.63 -3.03 14.55
N ARG B 108 -20.98 -2.48 15.58
CA ARG B 108 -19.63 -1.85 15.51
C ARG B 108 -18.70 -2.78 14.72
N ASN B 109 -18.67 -4.06 15.09
CA ASN B 109 -17.78 -5.10 14.50
C ASN B 109 -18.20 -5.29 13.04
N LYS B 110 -19.52 -5.41 12.80
CA LYS B 110 -20.11 -5.58 11.46
C LYS B 110 -19.69 -4.41 10.57
N LEU B 111 -19.93 -3.18 11.05
CA LEU B 111 -19.73 -1.95 10.22
C LEU B 111 -18.23 -1.76 9.96
N THR B 112 -17.40 -1.94 11.00
CA THR B 112 -15.92 -1.85 10.88
C THR B 112 -15.46 -2.78 9.76
N GLU B 113 -15.80 -4.07 9.90
CA GLU B 113 -15.45 -5.11 8.91
C GLU B 113 -15.82 -4.59 7.51
N HIS B 114 -17.10 -4.30 7.27
CA HIS B 114 -17.60 -4.04 5.88
C HIS B 114 -16.89 -2.82 5.29
N PHE B 115 -16.78 -1.74 6.08
CA PHE B 115 -16.33 -0.41 5.57
C PHE B 115 -14.81 -0.38 5.42
N ILE B 116 -14.07 -1.02 6.33
CA ILE B 116 -12.60 -1.20 6.17
C ILE B 116 -12.32 -1.63 4.73
N ILE B 117 -13.10 -2.58 4.23
CA ILE B 117 -12.92 -3.16 2.87
C ILE B 117 -13.41 -2.17 1.82
N THR B 118 -14.58 -1.57 2.01
CA THR B 118 -15.36 -0.91 0.92
C THR B 118 -15.03 0.59 0.83
N LEU B 119 -14.71 1.24 1.97
CA LEU B 119 -14.47 2.71 2.05
C LEU B 119 -13.36 3.09 1.08
N PRO B 120 -12.22 2.37 1.05
CA PRO B 120 -11.21 2.66 0.03
C PRO B 120 -11.82 2.73 -1.38
N MET B 121 -12.81 1.87 -1.67
CA MET B 121 -13.45 1.75 -3.01
C MET B 121 -14.38 2.94 -3.24
N LEU B 122 -15.21 3.25 -2.23
CA LEU B 122 -16.10 4.43 -2.27
C LEU B 122 -15.27 5.67 -2.58
N LEU B 123 -14.27 5.94 -1.72
CA LEU B 123 -13.33 7.08 -1.86
C LEU B 123 -12.79 7.06 -3.29
N SER B 124 -12.34 5.89 -3.76
CA SER B 124 -11.82 5.68 -5.14
C SER B 124 -12.87 6.14 -6.18
N LYS B 125 -14.13 5.71 -6.02
CA LYS B 125 -15.20 6.03 -7.01
C LYS B 125 -15.43 7.55 -7.03
N TYR B 126 -15.81 8.14 -5.88
CA TYR B 126 -16.32 9.53 -5.81
C TYR B 126 -15.18 10.53 -5.55
N SER B 127 -13.94 10.09 -5.74
CA SER B 127 -12.68 10.78 -5.34
C SER B 127 -12.65 12.24 -5.83
N ALA B 128 -13.32 12.59 -6.92
CA ALA B 128 -13.34 13.96 -7.47
C ALA B 128 -14.45 14.82 -6.84
N ASP B 129 -15.33 14.25 -6.00
CA ASP B 129 -16.52 14.96 -5.45
C ASP B 129 -16.19 15.48 -4.06
N ALA B 130 -16.00 16.80 -3.93
CA ALA B 130 -15.59 17.49 -2.68
C ALA B 130 -16.43 16.96 -1.52
N GLU B 131 -17.75 17.15 -1.58
CA GLU B 131 -18.65 16.99 -0.41
C GLU B 131 -19.05 15.52 -0.21
N LYS B 132 -18.75 14.60 -1.15
CA LYS B 132 -19.06 13.16 -0.97
C LYS B 132 -17.91 12.46 -0.24
N VAL B 133 -16.68 12.86 -0.58
CA VAL B 133 -15.44 12.49 0.16
C VAL B 133 -15.60 12.97 1.60
N ALA B 134 -15.83 14.28 1.80
CA ALA B 134 -15.97 14.87 3.14
C ALA B 134 -16.85 13.94 3.97
N ASN B 135 -17.96 13.52 3.38
CA ASN B 135 -19.03 12.74 4.05
C ASN B 135 -18.52 11.33 4.32
N LEU B 136 -17.84 10.72 3.35
CA LEU B 136 -17.26 9.35 3.48
C LEU B 136 -16.26 9.32 4.63
N LEU B 137 -15.35 10.30 4.69
CA LEU B 137 -14.25 10.37 5.69
C LEU B 137 -14.78 10.58 7.12
N GLN B 138 -16.09 10.78 7.33
CA GLN B 138 -16.70 10.74 8.69
C GLN B 138 -16.84 9.27 9.13
N ILE B 139 -16.48 8.31 8.28
CA ILE B 139 -16.75 6.86 8.57
C ILE B 139 -15.72 6.32 9.57
N PRO B 140 -14.39 6.39 9.27
CA PRO B 140 -13.34 5.81 10.13
C PRO B 140 -13.43 6.06 11.64
N GLN B 141 -13.94 7.21 12.06
CA GLN B 141 -14.10 7.56 13.49
C GLN B 141 -14.98 6.55 14.23
N TYR B 142 -15.72 5.68 13.53
CA TYR B 142 -16.73 4.78 14.17
C TYR B 142 -16.17 3.36 14.31
N PHE B 143 -15.16 3.04 13.49
CA PHE B 143 -14.32 1.81 13.59
C PHE B 143 -13.96 1.53 15.06
N ASP B 144 -14.04 0.24 15.46
CA ASP B 144 -13.19 -0.36 16.53
C ASP B 144 -11.85 -0.74 15.86
N LEU B 145 -10.89 0.19 15.84
CA LEU B 145 -9.67 0.14 14.99
C LEU B 145 -8.89 -1.15 15.27
N GLU B 146 -9.16 -1.81 16.41
CA GLU B 146 -8.60 -3.15 16.76
C GLU B 146 -8.69 -4.05 15.52
N ILE B 147 -9.94 -4.30 15.08
CA ILE B 147 -10.34 -5.19 13.94
C ILE B 147 -9.47 -4.94 12.68
N TYR B 148 -8.54 -3.97 12.70
CA TYR B 148 -7.50 -3.79 11.65
C TYR B 148 -6.42 -4.85 11.90
N SER B 149 -6.07 -5.03 13.18
CA SER B 149 -5.09 -6.03 13.70
C SER B 149 -5.79 -7.38 13.90
N THR B 150 -6.71 -7.46 14.88
CA THR B 150 -7.32 -8.71 15.42
C THR B 150 -8.09 -9.45 14.31
N GLY B 151 -8.23 -8.84 13.12
CA GLY B 151 -8.84 -9.44 11.90
C GLY B 151 -7.90 -9.49 10.70
N ARG B 152 -6.61 -9.22 10.88
CA ARG B 152 -5.59 -9.13 9.79
C ARG B 152 -6.22 -8.52 8.52
N MET B 153 -6.58 -7.24 8.62
CA MET B 153 -7.13 -6.40 7.52
C MET B 153 -6.15 -5.24 7.26
N GLU B 154 -4.85 -5.52 7.36
CA GLU B 154 -3.75 -4.54 7.11
C GLU B 154 -3.71 -4.20 5.62
N LYS B 155 -3.92 -5.21 4.76
CA LYS B 155 -4.10 -5.04 3.29
C LYS B 155 -4.95 -3.78 3.03
N HIS B 156 -6.02 -3.58 3.81
CA HIS B 156 -7.12 -2.62 3.52
C HIS B 156 -6.77 -1.21 4.02
N LEU B 157 -6.22 -1.08 5.23
CA LEU B 157 -5.61 0.18 5.73
C LEU B 157 -4.60 0.74 4.71
N ASP B 158 -3.83 -0.12 4.02
CA ASP B 158 -2.83 0.33 3.01
C ASP B 158 -3.57 0.95 1.82
N ALA B 159 -4.82 0.53 1.59
CA ALA B 159 -5.70 1.02 0.49
C ALA B 159 -6.33 2.36 0.89
N LEU B 160 -6.77 2.47 2.14
CA LEU B 160 -7.37 3.73 2.67
C LEU B 160 -6.39 4.88 2.48
N LEU B 161 -5.18 4.74 3.05
CA LEU B 161 -4.11 5.78 3.04
C LEU B 161 -3.71 6.06 1.59
N LYS B 162 -3.61 5.02 0.77
CA LYS B 162 -3.30 5.22 -0.66
C LYS B 162 -4.34 6.20 -1.25
N GLN B 163 -5.59 6.17 -0.75
CA GLN B 163 -6.76 6.85 -1.37
C GLN B 163 -6.93 8.26 -0.78
N ILE B 164 -6.77 8.38 0.55
CA ILE B 164 -6.62 9.67 1.26
C ILE B 164 -5.51 10.49 0.59
N LYS B 165 -4.37 9.86 0.28
CA LYS B 165 -3.26 10.47 -0.49
C LYS B 165 -3.84 11.07 -1.78
N PHE B 166 -4.48 10.23 -2.61
CA PHE B 166 -4.95 10.60 -3.98
C PHE B 166 -5.95 11.77 -3.88
N VAL B 167 -6.77 11.79 -2.83
CA VAL B 167 -7.88 12.78 -2.61
C VAL B 167 -7.29 14.15 -2.28
N VAL B 168 -6.41 14.19 -1.29
CA VAL B 168 -5.89 15.46 -0.69
C VAL B 168 -4.98 16.18 -1.70
N GLU B 169 -4.22 15.44 -2.52
CA GLU B 169 -3.38 15.98 -3.62
C GLU B 169 -4.25 16.76 -4.60
N LYS B 170 -5.49 16.30 -4.79
CA LYS B 170 -6.41 16.78 -5.85
C LYS B 170 -7.26 17.95 -5.33
N HIS B 171 -7.67 17.90 -4.06
CA HIS B 171 -8.71 18.79 -3.50
C HIS B 171 -8.08 19.99 -2.79
N VAL B 172 -8.82 21.09 -2.73
CA VAL B 172 -8.40 22.39 -2.11
C VAL B 172 -9.50 22.87 -1.16
N GLU B 173 -10.74 22.40 -1.32
CA GLU B 173 -11.90 22.85 -0.50
C GLU B 173 -11.62 22.41 0.95
N SER B 174 -11.67 23.37 1.89
CA SER B 174 -11.37 23.18 3.34
C SER B 174 -11.98 21.88 3.86
N ASP B 175 -13.29 21.73 3.76
CA ASP B 175 -14.03 20.58 4.35
C ASP B 175 -13.34 19.26 4.01
N VAL B 176 -12.89 19.08 2.76
CA VAL B 176 -12.20 17.82 2.30
C VAL B 176 -10.90 17.69 3.09
N LEU B 177 -10.00 18.67 2.93
CA LEU B 177 -8.66 18.69 3.58
C LEU B 177 -8.86 18.43 5.08
N GLU B 178 -9.76 19.16 5.73
CA GLU B 178 -9.97 19.02 7.20
C GLU B 178 -10.27 17.54 7.47
N ALA B 179 -11.18 16.93 6.71
CA ALA B 179 -11.69 15.57 6.95
C ALA B 179 -10.57 14.55 6.75
N CYS B 180 -9.66 14.77 5.77
CA CYS B 180 -8.43 13.96 5.56
C CYS B 180 -7.51 14.06 6.79
N SER B 181 -7.21 15.28 7.24
CA SER B 181 -6.41 15.56 8.45
C SER B 181 -7.02 14.84 9.67
N LYS B 182 -8.32 15.02 9.89
CA LYS B 182 -9.08 14.41 11.03
C LYS B 182 -9.04 12.87 10.95
N THR B 183 -8.80 12.28 9.78
CA THR B 183 -8.92 10.81 9.55
C THR B 183 -7.57 10.18 9.91
N TYR B 184 -6.49 10.77 9.43
CA TYR B 184 -5.10 10.59 9.94
C TYR B 184 -5.04 10.74 11.47
N SER B 185 -5.72 11.72 12.05
CA SER B 185 -5.71 11.97 13.51
C SER B 185 -6.35 10.81 14.30
N ILE B 186 -7.22 9.99 13.71
CA ILE B 186 -7.87 8.81 14.39
C ILE B 186 -7.01 7.57 14.13
N LEU B 187 -6.49 7.42 12.90
CA LEU B 187 -5.61 6.31 12.48
C LEU B 187 -4.33 6.31 13.34
N CYS B 188 -3.57 7.41 13.38
CA CYS B 188 -2.50 7.69 14.39
C CYS B 188 -3.15 7.66 15.77
N SER B 189 -3.78 6.52 16.11
CA SER B 189 -4.45 6.23 17.39
C SER B 189 -3.43 6.30 18.52
N GLU B 190 -2.22 5.80 18.23
CA GLU B 190 -1.03 5.63 19.13
C GLU B 190 -1.28 4.42 20.05
N GLU B 191 -2.10 3.46 19.57
CA GLU B 191 -2.39 2.17 20.25
C GLU B 191 -1.81 1.02 19.42
N TYR B 192 -2.39 0.77 18.25
CA TYR B 192 -2.46 -0.56 17.59
C TYR B 192 -1.28 -0.72 16.62
N THR B 193 -0.88 -1.97 16.33
CA THR B 193 0.28 -2.38 15.47
C THR B 193 0.30 -1.61 14.15
N ILE B 194 -0.85 -1.05 13.75
CA ILE B 194 -1.06 -0.19 12.55
C ILE B 194 -0.30 1.14 12.71
N GLN B 195 -0.32 1.73 13.91
CA GLN B 195 0.15 3.11 14.19
C GLN B 195 1.40 3.41 13.36
N ASN B 196 2.40 2.53 13.40
CA ASN B 196 3.68 2.70 12.66
C ASN B 196 3.41 2.86 11.16
N ARG B 197 2.44 2.14 10.60
CA ARG B 197 2.17 2.08 9.14
C ARG B 197 1.49 3.38 8.68
N VAL B 198 0.53 3.87 9.48
CA VAL B 198 -0.06 5.25 9.37
C VAL B 198 1.11 6.25 9.30
N ASP B 199 1.91 6.34 10.38
CA ASP B 199 3.03 7.31 10.56
C ASP B 199 3.87 7.39 9.28
N ILE B 200 4.32 6.25 8.74
CA ILE B 200 5.27 6.24 7.59
C ILE B 200 4.59 6.91 6.39
N ALA B 201 3.29 6.69 6.21
CA ALA B 201 2.47 7.21 5.09
C ALA B 201 2.12 8.68 5.33
N ARG B 202 1.84 9.07 6.58
CA ARG B 202 1.65 10.50 6.98
C ARG B 202 2.91 11.27 6.58
N SER B 203 4.04 10.96 7.21
CA SER B 203 5.37 11.56 6.93
C SER B 203 5.64 11.52 5.42
N GLN B 204 5.28 10.45 4.73
CA GLN B 204 5.48 10.31 3.26
C GLN B 204 4.73 11.46 2.59
N LEU B 205 3.51 11.72 3.06
CA LEU B 205 2.56 12.67 2.42
C LEU B 205 3.03 14.11 2.67
N ILE B 206 3.24 14.46 3.94
CA ILE B 206 3.76 15.79 4.40
C ILE B 206 5.03 16.14 3.62
N ASP B 207 6.00 15.21 3.61
CA ASP B 207 7.26 15.32 2.82
C ASP B 207 6.88 15.81 1.42
N GLU B 208 5.91 15.18 0.75
CA GLU B 208 5.59 15.50 -0.67
C GLU B 208 5.01 16.91 -0.74
N PHE B 209 4.19 17.32 0.23
CA PHE B 209 3.56 18.67 0.27
C PHE B 209 4.60 19.74 0.50
N VAL B 210 5.50 19.52 1.46
CA VAL B 210 6.57 20.49 1.81
C VAL B 210 7.48 20.70 0.59
N ASP B 211 7.89 19.65 -0.12
CA ASP B 211 8.82 19.79 -1.27
C ASP B 211 8.11 20.63 -2.34
N ARG B 212 6.84 20.32 -2.58
CA ARG B 212 6.02 20.98 -3.62
C ARG B 212 5.71 22.43 -3.16
N PHE B 213 5.54 22.66 -1.84
CA PHE B 213 5.34 24.01 -1.22
C PHE B 213 6.59 24.86 -1.43
N ASN B 214 7.76 24.36 -1.01
CA ASN B 214 9.05 25.10 -1.08
C ASN B 214 9.36 25.46 -2.55
N HIS B 215 9.28 24.49 -3.48
CA HIS B 215 9.48 24.73 -4.92
C HIS B 215 8.50 25.81 -5.39
N SER B 216 7.21 25.68 -4.99
CA SER B 216 6.09 26.61 -5.33
C SER B 216 6.45 28.04 -4.88
N VAL B 217 7.01 28.17 -3.68
CA VAL B 217 7.41 29.48 -3.09
C VAL B 217 8.60 30.03 -3.87
N GLU B 218 9.58 29.18 -4.18
CA GLU B 218 10.84 29.60 -4.87
C GLU B 218 10.47 30.25 -6.20
N ASP B 219 9.57 29.61 -6.95
CA ASP B 219 9.08 30.07 -8.27
C ASP B 219 8.29 31.38 -8.11
N LEU B 220 7.50 31.52 -7.03
CA LEU B 220 6.61 32.69 -6.81
C LEU B 220 7.43 33.95 -6.52
N LEU B 221 8.45 33.86 -5.67
CA LEU B 221 9.34 34.99 -5.35
C LEU B 221 10.39 35.15 -6.48
N GLN B 222 9.90 35.47 -7.67
CA GLN B 222 10.64 35.84 -8.90
C GLN B 222 9.78 36.83 -9.70
N GLU B 223 8.58 36.41 -10.13
CA GLU B 223 7.55 37.28 -10.73
C GLU B 223 6.46 37.55 -9.67
N ASP B 228 2.92 35.60 -12.10
CA ASP B 228 2.20 34.67 -13.01
C ASP B 228 1.14 33.91 -12.18
N ASP B 229 -0.12 33.90 -12.63
CA ASP B 229 -1.28 33.23 -11.98
C ASP B 229 -0.96 31.78 -11.60
N ASP B 230 -0.46 30.99 -12.55
CA ASP B 230 -0.20 29.53 -12.36
C ASP B 230 0.69 29.32 -11.12
N ASP B 231 1.67 30.21 -10.88
CA ASP B 231 2.54 30.18 -9.67
C ASP B 231 1.67 30.31 -8.41
N ILE B 232 0.85 31.36 -8.37
CA ILE B 232 0.00 31.75 -7.20
C ILE B 232 -0.79 30.52 -6.73
N TYR B 233 -1.53 29.84 -7.61
CA TYR B 233 -2.34 28.64 -7.26
C TYR B 233 -1.45 27.58 -6.61
N ASN B 234 -0.26 27.33 -7.17
CA ASN B 234 0.68 26.27 -6.68
C ASN B 234 1.04 26.53 -5.21
N VAL B 235 1.21 27.80 -4.84
CA VAL B 235 1.55 28.22 -3.45
C VAL B 235 0.29 28.06 -2.58
N LEU B 236 -0.83 28.65 -2.98
CA LEU B 236 -2.09 28.61 -2.18
C LEU B 236 -2.56 27.17 -2.00
N SER B 237 -2.40 26.31 -3.00
CA SER B 237 -2.92 24.93 -2.98
C SER B 237 -2.08 24.12 -1.99
N THR B 238 -0.76 24.18 -2.13
CA THR B 238 0.21 23.47 -1.27
C THR B 238 0.11 24.04 0.16
N LEU B 239 0.19 25.36 0.31
CA LEU B 239 0.10 26.01 1.64
C LEU B 239 -1.17 25.55 2.35
N LYS B 240 -2.32 25.63 1.66
CA LYS B 240 -3.65 25.27 2.19
C LYS B 240 -3.63 23.84 2.73
N ARG B 241 -3.05 22.91 1.97
CA ARG B 241 -2.96 21.48 2.37
C ARG B 241 -2.20 21.35 3.69
N LEU B 242 -1.06 22.04 3.78
CA LEU B 242 -0.15 21.94 4.95
C LEU B 242 -0.82 22.60 6.16
N THR B 243 -1.57 23.68 5.93
CA THR B 243 -2.21 24.47 7.00
C THR B 243 -3.32 23.62 7.66
N SER B 244 -4.24 23.02 6.89
CA SER B 244 -5.31 22.19 7.48
C SER B 244 -4.68 21.05 8.29
N PHE B 245 -3.54 20.53 7.86
CA PHE B 245 -2.83 19.45 8.58
C PHE B 245 -2.15 19.99 9.86
N HIS B 246 -1.53 21.18 9.79
CA HIS B 246 -0.64 21.71 10.87
C HIS B 246 -1.40 21.84 12.19
N ASN B 247 -2.72 21.96 12.14
CA ASN B 247 -3.62 22.10 13.30
C ASN B 247 -3.52 20.85 14.18
N ALA B 248 -3.78 19.68 13.60
CA ALA B 248 -3.91 18.36 14.29
C ALA B 248 -2.56 17.61 14.30
N HIS B 249 -1.68 17.88 13.34
CA HIS B 249 -0.38 17.19 13.16
C HIS B 249 0.78 18.17 13.42
N ASP B 250 1.47 18.04 14.55
CA ASP B 250 2.81 18.66 14.75
C ASP B 250 3.65 18.53 13.47
N LEU B 251 3.82 19.60 12.70
CA LEU B 251 4.67 19.61 11.48
C LEU B 251 5.91 20.48 11.70
N THR B 252 6.37 20.63 12.95
CA THR B 252 7.56 21.49 13.26
C THR B 252 8.84 20.88 12.67
N LYS B 253 9.00 19.55 12.65
CA LYS B 253 10.22 18.89 12.06
C LYS B 253 10.46 19.42 10.63
N TRP B 254 9.42 19.93 9.96
CA TRP B 254 9.52 20.65 8.65
C TRP B 254 9.59 22.16 8.94
N ASP B 255 10.31 22.96 8.14
CA ASP B 255 10.57 24.39 8.48
C ASP B 255 9.55 25.28 7.77
N LEU B 256 8.27 25.10 8.09
CA LEU B 256 7.16 25.80 7.38
C LEU B 256 7.12 27.26 7.79
N PHE B 257 7.42 27.55 9.06
CA PHE B 257 7.40 28.94 9.59
C PHE B 257 8.32 29.81 8.71
N GLY B 258 9.54 29.38 8.47
CA GLY B 258 10.49 30.10 7.60
C GLY B 258 9.77 30.62 6.36
N ASN B 259 9.30 29.70 5.52
CA ASN B 259 8.70 30.03 4.19
C ASN B 259 7.43 30.86 4.37
N CYS B 260 6.64 30.56 5.38
CA CYS B 260 5.43 31.36 5.68
C CYS B 260 5.92 32.77 6.01
N TYR B 261 7.01 32.91 6.78
CA TYR B 261 7.57 34.23 7.18
C TYR B 261 7.99 35.01 5.92
N ARG B 262 8.66 34.34 5.00
CA ARG B 262 9.15 34.95 3.73
C ARG B 262 7.96 35.51 2.94
N LEU B 263 6.89 34.71 2.76
CA LEU B 263 5.65 35.08 2.04
C LEU B 263 5.00 36.30 2.71
N LEU B 264 5.02 36.35 4.04
CA LEU B 264 4.30 37.40 4.82
C LEU B 264 5.12 38.70 4.78
N LYS B 265 6.45 38.59 4.82
CA LYS B 265 7.35 39.78 4.73
C LYS B 265 7.29 40.34 3.32
N THR B 266 7.33 39.49 2.28
CA THR B 266 7.16 39.89 0.86
C THR B 266 5.78 40.54 0.66
N GLY B 267 4.75 40.02 1.34
CA GLY B 267 3.38 40.54 1.29
C GLY B 267 3.31 41.96 1.80
N ILE B 268 4.03 42.22 2.91
CA ILE B 268 4.04 43.50 3.67
C ILE B 268 4.81 44.59 2.89
N GLU B 269 6.06 44.33 2.47
CA GLU B 269 6.96 45.35 1.84
C GLU B 269 6.56 45.63 0.38
N HIS B 270 5.52 44.99 -0.16
CA HIS B 270 5.05 45.21 -1.56
C HIS B 270 3.52 45.39 -1.60
N GLY B 271 2.75 44.45 -1.05
CA GLY B 271 1.27 44.49 -1.11
C GLY B 271 0.74 43.64 -2.27
N ALA B 272 1.65 43.04 -3.04
CA ALA B 272 1.35 42.22 -4.23
C ALA B 272 0.77 40.84 -3.87
N MET B 273 0.83 40.41 -2.60
CA MET B 273 0.57 39.00 -2.21
C MET B 273 -0.93 38.72 -2.06
N PRO B 274 -1.50 37.76 -2.84
CA PRO B 274 -2.92 37.43 -2.74
C PRO B 274 -3.38 37.22 -1.29
N GLU B 275 -4.59 37.70 -0.97
CA GLU B 275 -5.14 37.71 0.41
C GLU B 275 -5.14 36.28 0.98
N GLN B 276 -5.61 35.30 0.21
CA GLN B 276 -5.80 33.92 0.73
C GLN B 276 -4.43 33.32 1.03
N ILE B 277 -3.37 33.70 0.32
CA ILE B 277 -1.99 33.19 0.63
C ILE B 277 -1.54 33.79 1.96
N VAL B 278 -1.83 35.07 2.20
CA VAL B 278 -1.45 35.76 3.46
C VAL B 278 -2.21 35.08 4.62
N VAL B 279 -3.50 34.77 4.41
CA VAL B 279 -4.40 34.29 5.49
C VAL B 279 -3.92 32.90 5.93
N GLN B 280 -3.75 32.00 4.97
CA GLN B 280 -3.21 30.64 5.21
C GLN B 280 -1.85 30.77 5.93
N ALA B 281 -0.96 31.60 5.41
CA ALA B 281 0.41 31.80 5.94
C ALA B 281 0.33 32.25 7.41
N LEU B 282 -0.57 33.18 7.71
CA LEU B 282 -0.84 33.61 9.10
C LEU B 282 -1.25 32.37 9.93
N GLN B 283 -2.22 31.60 9.44
CA GLN B 283 -2.81 30.45 10.17
C GLN B 283 -1.73 29.37 10.35
N CYS B 284 -0.93 29.08 9.33
CA CYS B 284 0.10 28.01 9.38
C CYS B 284 1.17 28.37 10.41
N SER B 285 1.68 29.61 10.33
CA SER B 285 2.69 30.20 11.24
C SER B 285 2.23 30.05 12.68
N HIS B 286 0.96 30.35 12.93
CA HIS B 286 0.30 30.22 14.24
C HIS B 286 0.32 28.76 14.70
N TYR B 287 -0.10 27.82 13.83
CA TYR B 287 -0.13 26.37 14.16
C TYR B 287 1.31 25.95 14.53
N SER B 288 2.29 26.33 13.70
CA SER B 288 3.75 26.12 13.98
C SER B 288 4.09 26.60 15.39
N ILE B 289 3.70 27.83 15.74
CA ILE B 289 4.01 28.43 17.06
C ILE B 289 3.33 27.59 18.14
N LEU B 290 2.06 27.22 17.99
CA LEU B 290 1.30 26.50 19.04
C LEU B 290 1.95 25.14 19.31
N TRP B 291 2.45 24.47 18.27
CA TRP B 291 3.15 23.16 18.42
C TRP B 291 4.49 23.38 19.13
N GLN B 292 5.23 24.42 18.76
CA GLN B 292 6.51 24.77 19.42
C GLN B 292 6.25 24.96 20.93
N LEU B 293 5.18 25.67 21.32
CA LEU B 293 4.84 25.95 22.75
C LEU B 293 4.53 24.64 23.48
N VAL B 294 3.99 23.64 22.78
CA VAL B 294 3.60 22.33 23.38
C VAL B 294 4.89 21.52 23.64
N LYS B 295 5.83 21.45 22.69
CA LYS B 295 7.13 20.74 22.88
C LYS B 295 7.79 21.28 24.16
N ILE B 296 7.72 22.60 24.35
CA ILE B 296 8.32 23.36 25.48
C ILE B 296 7.51 23.13 26.76
N THR B 297 6.17 23.16 26.71
CA THR B 297 5.31 23.05 27.92
C THR B 297 5.24 21.59 28.39
N ASP B 298 5.61 20.62 27.54
CA ASP B 298 5.48 19.15 27.82
C ASP B 298 6.83 18.44 27.63
N GLY B 299 7.95 19.14 27.79
CA GLY B 299 9.29 18.54 27.93
C GLY B 299 9.99 19.13 29.13
N SER B 300 11.31 19.17 29.11
CA SER B 300 12.14 20.04 30.01
C SER B 300 13.07 20.86 29.12
N PRO B 301 12.74 22.15 28.85
CA PRO B 301 13.49 22.97 27.90
C PRO B 301 14.67 23.77 28.48
N SER B 302 15.72 23.95 27.67
CA SER B 302 16.88 24.82 27.96
C SER B 302 16.51 26.28 27.72
N LYS B 303 17.09 27.23 28.47
CA LYS B 303 16.83 28.68 28.34
C LYS B 303 16.92 29.07 26.86
N GLU B 304 17.86 28.47 26.13
CA GLU B 304 18.07 28.67 24.68
C GLU B 304 16.82 28.25 23.88
N ASP B 305 16.18 27.14 24.28
CA ASP B 305 14.87 26.73 23.71
C ASP B 305 13.90 27.92 23.88
N LEU B 306 13.78 28.45 25.09
CA LEU B 306 12.78 29.51 25.39
C LEU B 306 13.09 30.76 24.56
N LEU B 307 14.37 31.07 24.32
CA LEU B 307 14.79 32.35 23.67
C LEU B 307 14.54 32.24 22.17
N VAL B 308 14.85 31.08 21.60
CA VAL B 308 14.64 30.77 20.15
C VAL B 308 13.16 30.95 19.81
N LEU B 309 12.24 30.50 20.66
CA LEU B 309 10.77 30.66 20.47
C LEU B 309 10.37 32.12 20.66
N ARG B 310 10.69 32.73 21.81
CA ARG B 310 10.47 34.18 22.09
C ARG B 310 10.77 35.00 20.83
N LYS B 311 11.94 34.80 20.23
CA LYS B 311 12.35 35.46 18.96
C LYS B 311 11.24 35.26 17.93
N THR B 312 11.04 34.00 17.49
CA THR B 312 10.00 33.58 16.50
C THR B 312 8.67 34.28 16.80
N VAL B 313 8.21 34.22 18.06
CA VAL B 313 6.88 34.73 18.50
C VAL B 313 6.80 36.24 18.32
N LYS B 314 7.88 36.97 18.65
CA LYS B 314 7.91 38.46 18.54
C LYS B 314 7.94 38.84 17.05
N SER B 315 8.59 38.03 16.21
CA SER B 315 8.60 38.21 14.73
C SER B 315 7.16 38.10 14.22
N PHE B 316 6.44 37.12 14.78
CA PHE B 316 5.09 36.78 14.29
C PHE B 316 4.14 37.90 14.70
N LEU B 317 4.21 38.33 15.96
CA LEU B 317 3.42 39.47 16.50
C LEU B 317 3.65 40.73 15.67
N ALA B 318 4.90 41.01 15.34
CA ALA B 318 5.33 42.09 14.42
C ALA B 318 4.59 41.91 13.09
N VAL B 319 4.59 40.69 12.55
CA VAL B 319 3.96 40.42 11.22
C VAL B 319 2.44 40.67 11.36
N CYS B 320 1.86 40.23 12.47
CA CYS B 320 0.39 40.30 12.66
C CYS B 320 -0.05 41.76 12.80
N GLN B 321 0.66 42.55 13.63
CA GLN B 321 0.36 44.00 13.81
C GLN B 321 0.52 44.72 12.47
N GLN B 322 1.60 44.44 11.72
CA GLN B 322 1.81 45.01 10.37
C GLN B 322 0.59 44.66 9.51
N CYS B 323 0.03 43.45 9.65
CA CYS B 323 -1.05 42.91 8.78
C CYS B 323 -2.43 43.52 9.11
N LEU B 324 -2.57 44.24 10.23
CA LEU B 324 -3.83 44.97 10.56
C LEU B 324 -4.07 46.08 9.54
N SER B 325 -3.01 46.48 8.83
CA SER B 325 -3.03 47.56 7.82
C SER B 325 -3.10 46.98 6.41
N ASN B 326 -3.19 45.64 6.24
CA ASN B 326 -3.42 45.03 4.90
C ASN B 326 -4.77 45.56 4.43
N VAL B 327 -4.94 45.76 3.11
CA VAL B 327 -6.15 46.42 2.54
C VAL B 327 -7.31 45.41 2.58
N ASN B 328 -7.09 44.16 2.17
CA ASN B 328 -8.12 43.08 2.18
C ASN B 328 -8.56 42.84 3.63
N THR B 329 -9.87 42.83 3.88
CA THR B 329 -10.48 42.72 5.24
C THR B 329 -10.21 41.34 5.84
N PRO B 330 -10.45 40.21 5.12
CA PRO B 330 -10.13 38.90 5.69
C PRO B 330 -8.75 38.88 6.34
N VAL B 331 -7.75 39.54 5.73
CA VAL B 331 -6.35 39.59 6.28
C VAL B 331 -6.34 40.40 7.57
N LYS B 332 -7.06 41.52 7.63
CA LYS B 332 -7.20 42.30 8.88
C LYS B 332 -7.85 41.42 9.95
N GLU B 333 -8.90 40.68 9.58
CA GLU B 333 -9.70 39.90 10.55
C GLU B 333 -8.84 38.74 11.10
N GLN B 334 -8.11 38.05 10.22
CA GLN B 334 -7.24 36.90 10.61
C GLN B 334 -6.16 37.42 11.57
N ALA B 335 -5.37 38.40 11.12
CA ALA B 335 -4.30 39.04 11.91
C ALA B 335 -4.82 39.39 13.30
N PHE B 336 -6.02 39.97 13.36
CA PHE B 336 -6.64 40.43 14.62
C PHE B 336 -6.90 39.23 15.53
N MET B 337 -7.62 38.22 15.02
CA MET B 337 -7.95 37.01 15.83
C MET B 337 -6.64 36.38 16.36
N LEU B 338 -5.60 36.29 15.53
CA LEU B 338 -4.34 35.60 15.90
C LEU B 338 -3.63 36.40 17.00
N LEU B 339 -3.67 37.73 16.95
CA LEU B 339 -3.08 38.62 18.00
C LEU B 339 -3.79 38.36 19.33
N CYS B 340 -5.12 38.46 19.35
CA CYS B 340 -5.95 38.25 20.57
C CYS B 340 -5.75 36.82 21.10
N ASP B 341 -5.49 35.85 20.24
CA ASP B 341 -5.22 34.47 20.71
C ASP B 341 -3.80 34.43 21.30
N LEU B 342 -2.80 35.03 20.63
CA LEU B 342 -1.38 34.98 21.05
C LEU B 342 -1.14 35.78 22.35
N LEU B 343 -1.69 36.98 22.48
CA LEU B 343 -1.62 37.77 23.74
C LEU B 343 -2.22 36.97 24.91
N MET B 344 -3.36 36.32 24.68
CA MET B 344 -4.03 35.43 25.68
C MET B 344 -3.06 34.31 26.05
N ILE B 345 -2.38 33.71 25.08
CA ILE B 345 -1.55 32.49 25.30
C ILE B 345 -0.26 32.86 26.03
N PHE B 346 0.39 33.95 25.62
CA PHE B 346 1.75 34.34 26.08
C PHE B 346 1.64 35.49 27.10
N SER B 347 1.18 35.16 28.30
CA SER B 347 0.84 36.13 29.39
C SER B 347 1.09 35.45 30.72
N HIS B 348 0.92 36.16 31.85
CA HIS B 348 1.05 35.55 33.21
C HIS B 348 0.34 34.18 33.17
N GLN B 349 -0.83 34.10 32.55
CA GLN B 349 -1.65 32.86 32.40
C GLN B 349 -0.71 31.68 32.16
N LEU B 350 0.30 31.90 31.31
CA LEU B 350 1.28 30.86 30.89
C LEU B 350 2.03 30.29 32.09
N MET B 351 2.16 31.08 33.16
CA MET B 351 3.10 30.80 34.29
C MET B 351 2.38 30.07 35.44
N THR B 352 1.10 30.36 35.68
CA THR B 352 0.33 29.76 36.79
C THR B 352 0.31 28.24 36.64
N GLY B 353 0.28 27.54 37.77
CA GLY B 353 0.37 26.07 37.86
C GLY B 353 1.81 25.62 37.83
N GLY B 354 2.65 26.22 38.70
CA GLY B 354 4.05 25.81 38.97
C GLY B 354 4.93 25.83 37.74
N ARG B 355 4.69 26.76 36.80
CA ARG B 355 5.45 26.93 35.53
C ARG B 355 6.05 28.34 35.47
N GLU B 356 6.77 28.75 36.52
CA GLU B 356 7.38 30.11 36.63
C GLU B 356 8.60 30.18 35.70
N GLY B 357 9.17 29.03 35.33
CA GLY B 357 10.37 28.91 34.47
C GLY B 357 10.13 29.43 33.06
N LEU B 358 8.88 29.68 32.67
CA LEU B 358 8.45 30.16 31.33
C LEU B 358 8.22 31.69 31.33
N GLN B 359 8.78 32.41 32.29
CA GLN B 359 8.77 33.89 32.37
C GLN B 359 9.17 34.49 31.01
N PRO B 360 10.28 34.04 30.36
CA PRO B 360 10.77 34.63 29.12
C PRO B 360 9.94 34.38 27.84
N LEU B 361 8.81 33.67 27.93
CA LEU B 361 7.84 33.55 26.80
C LEU B 361 6.65 34.51 27.00
N VAL B 362 6.65 35.29 28.08
CA VAL B 362 5.56 36.25 28.41
C VAL B 362 5.74 37.53 27.58
N PHE B 363 4.61 38.12 27.15
CA PHE B 363 4.51 39.35 26.33
C PHE B 363 3.36 40.19 26.85
N ASN B 364 3.68 41.33 27.48
CA ASN B 364 2.72 42.41 27.77
C ASN B 364 2.71 43.28 26.52
N PRO B 365 1.55 43.52 25.86
CA PRO B 365 1.53 44.35 24.66
C PRO B 365 1.78 45.84 24.98
N ASP B 366 2.54 46.52 24.13
CA ASP B 366 2.83 47.97 24.27
C ASP B 366 1.55 48.76 23.94
N THR B 367 1.45 49.98 24.48
CA THR B 367 0.34 50.94 24.27
C THR B 367 0.02 51.08 22.77
N GLY B 368 1.04 51.01 21.90
CA GLY B 368 0.87 51.18 20.45
C GLY B 368 -0.03 50.11 19.87
N LEU B 369 0.19 48.87 20.29
CA LEU B 369 -0.63 47.68 19.91
C LEU B 369 -2.05 47.83 20.50
N GLN B 370 -2.16 47.94 21.84
CA GLN B 370 -3.46 48.10 22.57
C GLN B 370 -4.33 49.13 21.84
N SER B 371 -3.76 50.29 21.56
CA SER B 371 -4.41 51.36 20.76
C SER B 371 -4.90 50.76 19.44
N GLU B 372 -4.07 49.95 18.75
CA GLU B 372 -4.34 49.51 17.34
C GLU B 372 -5.34 48.34 17.32
N LEU B 373 -5.38 47.51 18.37
CA LEU B 373 -6.41 46.47 18.58
C LEU B 373 -7.78 47.14 18.78
N LEU B 374 -7.87 48.01 19.79
CA LEU B 374 -9.03 48.92 20.03
C LEU B 374 -9.49 49.57 18.71
N SER B 375 -8.60 50.27 18.01
CA SER B 375 -8.90 50.95 16.72
C SER B 375 -9.66 49.98 15.80
N PHE B 376 -9.23 48.72 15.75
CA PHE B 376 -9.78 47.69 14.84
C PHE B 376 -11.20 47.30 15.28
N VAL B 377 -11.40 47.15 16.60
CA VAL B 377 -12.72 46.79 17.20
C VAL B 377 -13.77 47.85 16.86
N MET B 378 -13.44 49.13 17.07
CA MET B 378 -14.30 50.29 16.71
C MET B 378 -14.66 50.20 15.23
N ASP B 379 -13.64 49.99 14.38
CA ASP B 379 -13.76 50.09 12.91
C ASP B 379 -14.61 48.94 12.34
N HIS B 380 -14.63 47.76 12.98
CA HIS B 380 -15.20 46.51 12.39
C HIS B 380 -16.32 45.90 13.22
N VAL B 381 -16.40 46.23 14.51
CA VAL B 381 -17.46 45.70 15.42
C VAL B 381 -18.66 46.65 15.44
N PHE B 382 -18.44 47.97 15.41
CA PHE B 382 -19.47 49.01 15.74
C PHE B 382 -19.84 49.81 14.48
N ILE B 383 -20.92 49.40 13.79
CA ILE B 383 -21.31 49.83 12.40
C ILE B 383 -22.80 50.17 12.33
N ASP B 384 -23.24 50.79 11.22
CA ASP B 384 -24.66 51.04 10.87
C ASP B 384 -25.49 49.77 11.15
N ASP B 398 -32.12 38.65 1.19
CA ASP B 398 -31.63 37.50 2.00
C ASP B 398 -31.38 37.96 3.44
N GLU B 399 -32.32 37.65 4.34
CA GLU B 399 -32.29 37.99 5.79
C GLU B 399 -31.38 37.01 6.55
N ALA B 400 -30.92 35.94 5.90
CA ALA B 400 -29.99 34.93 6.45
C ALA B 400 -28.53 35.32 6.20
N ASN B 401 -28.29 36.35 5.38
CA ASN B 401 -26.92 36.78 4.96
C ASN B 401 -26.31 37.72 6.00
N LYS B 402 -27.14 38.47 6.73
CA LYS B 402 -26.71 39.54 7.68
C LYS B 402 -26.40 38.90 9.06
N ILE B 403 -27.08 37.79 9.39
CA ILE B 403 -26.82 36.97 10.60
C ILE B 403 -25.45 36.29 10.43
N GLU B 404 -25.05 36.03 9.18
CA GLU B 404 -23.67 35.61 8.81
C GLU B 404 -22.67 36.49 9.58
N ALA B 405 -22.61 37.77 9.22
CA ALA B 405 -21.56 38.73 9.64
C ALA B 405 -21.70 39.11 11.13
N LEU B 406 -22.92 39.09 11.67
CA LEU B 406 -23.19 39.50 13.07
C LEU B 406 -22.45 38.57 14.03
N HIS B 407 -22.44 37.26 13.77
CA HIS B 407 -21.72 36.24 14.61
C HIS B 407 -20.21 36.43 14.42
N LYS B 408 -19.78 36.91 13.27
CA LYS B 408 -18.35 37.17 12.98
C LYS B 408 -17.87 38.33 13.85
N ARG B 409 -18.64 39.42 13.89
CA ARG B 409 -18.30 40.63 14.68
C ARG B 409 -18.28 40.24 16.17
N ARG B 410 -19.28 39.48 16.60
CA ARG B 410 -19.38 38.94 17.97
C ARG B 410 -18.12 38.17 18.34
N ASN B 411 -17.51 37.46 17.39
CA ASN B 411 -16.27 36.64 17.62
C ASN B 411 -15.07 37.57 17.81
N LEU B 412 -14.98 38.64 17.00
CA LEU B 412 -13.90 39.65 17.07
C LEU B 412 -13.95 40.29 18.45
N LEU B 413 -15.13 40.80 18.82
CA LEU B 413 -15.40 41.49 20.11
C LEU B 413 -15.02 40.57 21.28
N ALA B 414 -15.55 39.34 21.29
CA ALA B 414 -15.37 38.38 22.40
C ALA B 414 -13.88 38.05 22.57
N ALA B 415 -13.10 38.07 21.49
CA ALA B 415 -11.63 37.80 21.55
C ALA B 415 -10.94 38.98 22.22
N PHE B 416 -11.27 40.23 21.84
CA PHE B 416 -10.74 41.46 22.47
C PHE B 416 -11.18 41.54 23.94
N SER B 417 -12.46 41.26 24.20
CA SER B 417 -13.06 41.24 25.57
C SER B 417 -12.21 40.36 26.47
N LYS B 418 -11.94 39.13 26.03
CA LYS B 418 -11.15 38.13 26.79
C LYS B 418 -9.82 38.75 27.22
N LEU B 419 -9.25 39.67 26.43
CA LEU B 419 -7.96 40.34 26.77
C LEU B 419 -8.17 41.24 27.99
N ILE B 420 -9.30 41.97 28.03
CA ILE B 420 -9.74 42.83 29.16
C ILE B 420 -9.97 41.97 30.41
N ILE B 421 -10.88 41.00 30.33
CA ILE B 421 -11.29 40.11 31.47
C ILE B 421 -10.04 39.47 32.12
N TYR B 422 -8.91 39.34 31.42
CA TYR B 422 -7.70 38.64 31.95
C TYR B 422 -6.54 39.63 32.20
N ASP B 423 -6.83 40.93 32.31
CA ASP B 423 -5.92 41.95 32.88
C ASP B 423 -4.78 42.27 31.91
N ILE B 424 -5.03 42.12 30.60
CA ILE B 424 -3.99 42.06 29.52
C ILE B 424 -4.01 43.36 28.72
N VAL B 425 -5.19 43.88 28.44
CA VAL B 425 -5.40 45.22 27.82
C VAL B 425 -6.10 46.08 28.88
N ASP B 426 -5.74 47.36 28.96
CA ASP B 426 -6.25 48.28 29.99
C ASP B 426 -7.69 48.68 29.66
N MET B 427 -8.60 48.63 30.65
CA MET B 427 -10.04 48.86 30.45
C MET B 427 -10.33 50.34 30.14
N HIS B 428 -9.52 51.29 30.65
CA HIS B 428 -9.76 52.76 30.52
C HIS B 428 -9.46 53.22 29.09
N ALA B 429 -8.35 52.75 28.51
CA ALA B 429 -8.01 52.98 27.08
C ALA B 429 -9.03 52.23 26.22
N ALA B 430 -9.57 51.11 26.74
CA ALA B 430 -10.50 50.18 26.06
C ALA B 430 -11.98 50.53 26.33
N ALA B 431 -12.25 51.66 26.99
CA ALA B 431 -13.63 52.12 27.30
C ALA B 431 -14.34 52.51 26.01
N ASP B 432 -13.59 52.86 24.96
CA ASP B 432 -14.10 53.35 23.65
C ASP B 432 -15.26 52.49 23.09
N ILE B 433 -15.39 51.22 23.51
CA ILE B 433 -16.42 50.23 23.00
C ILE B 433 -17.76 50.40 23.73
N PHE B 434 -17.73 50.61 25.06
CA PHE B 434 -18.91 50.70 25.97
C PHE B 434 -19.71 51.98 25.71
N LYS B 435 -19.05 53.07 25.33
CA LYS B 435 -19.66 54.35 24.84
C LYS B 435 -20.95 54.04 24.07
N HIS B 436 -20.89 53.12 23.11
CA HIS B 436 -22.06 52.49 22.43
C HIS B 436 -22.26 51.08 23.02
N TYR B 437 -22.82 50.98 24.24
CA TYR B 437 -23.19 49.73 24.95
C TYR B 437 -24.69 49.48 24.77
N MET B 438 -25.49 50.47 25.17
CA MET B 438 -26.96 50.45 25.01
C MET B 438 -27.30 50.38 23.52
N LYS B 439 -26.72 51.26 22.70
CA LYS B 439 -27.05 51.39 21.25
C LYS B 439 -27.05 50.00 20.60
N TYR B 440 -26.06 49.15 20.95
CA TYR B 440 -25.92 47.76 20.44
C TYR B 440 -26.15 46.76 21.59
N TYR B 441 -27.12 47.00 22.46
CA TYR B 441 -27.31 46.01 23.54
C TYR B 441 -27.89 44.74 22.93
N ASN B 442 -28.57 44.90 21.80
CA ASN B 442 -29.21 43.76 21.10
C ASN B 442 -28.14 42.99 20.33
N ASP B 443 -27.08 43.65 19.87
CA ASP B 443 -26.10 42.90 19.06
C ASP B 443 -24.97 42.34 19.92
N TYR B 444 -24.52 43.09 20.92
CA TYR B 444 -23.35 42.66 21.71
C TYR B 444 -23.62 42.61 23.21
N GLY B 445 -24.64 43.35 23.67
CA GLY B 445 -25.07 43.51 25.07
C GLY B 445 -24.62 42.40 26.01
N ASP B 446 -24.85 41.14 25.64
CA ASP B 446 -24.40 40.03 26.52
C ASP B 446 -22.88 40.05 26.65
N ILE B 447 -22.15 40.32 25.56
CA ILE B 447 -20.66 40.26 25.51
C ILE B 447 -20.11 41.43 26.32
N ILE B 448 -20.68 42.62 26.16
CA ILE B 448 -20.24 43.83 26.89
C ILE B 448 -20.60 43.67 28.37
N LYS B 449 -21.87 43.39 28.70
CA LYS B 449 -22.36 43.26 30.10
C LYS B 449 -21.48 42.24 30.85
N GLU B 450 -21.11 41.13 30.22
CA GLU B 450 -20.29 40.04 30.82
C GLU B 450 -18.86 40.54 31.09
N THR B 451 -18.40 41.52 30.30
CA THR B 451 -17.06 42.14 30.41
C THR B 451 -17.07 43.16 31.56
N LEU B 452 -18.06 44.07 31.56
CA LEU B 452 -18.27 45.10 32.61
C LEU B 452 -18.48 44.36 33.95
N SER B 453 -19.16 43.22 33.94
CA SER B 453 -19.54 42.48 35.17
C SER B 453 -18.29 41.90 35.85
N LYS B 454 -17.47 41.14 35.12
CA LYS B 454 -16.43 40.30 35.75
C LYS B 454 -15.19 41.14 36.11
N THR B 455 -14.86 42.18 35.35
CA THR B 455 -13.78 43.16 35.72
C THR B 455 -14.39 44.27 36.60
#